data_6WDT
#
_entry.id   6WDT
#
_cell.length_a   1.00
_cell.length_b   1.00
_cell.length_c   1.00
_cell.angle_alpha   90.00
_cell.angle_beta   90.00
_cell.angle_gamma   90.00
#
_symmetry.space_group_name_H-M   'P 1'
#
loop_
_entity.id
_entity.type
_entity.pdbx_description
1 polymer 'viral protein 1'
2 polymer 'viral protein 2'
3 polymer 'viral protein 3'
4 polymer 'viral protein 4'
5 polymer 'EV68-228 heavy chain'
6 polymer 'EV68-228 light chain'
#
loop_
_entity_poly.entity_id
_entity_poly.type
_entity_poly.pdbx_seq_one_letter_code
_entity_poly.pdbx_strand_id
1 'polypeptide(L)'
;IESIIKTATDTVKSEINAELGVVPSLNAVETGATSNTEPEEAIQTRTVINQHGVSETLVENFLSRAALVSKRSFEYKDHT
SSTARADKNFFKWTINTRSFVQLRRKLELFTYLRFDAEITILTTVAVNGSGNNTYVGLPDLTLQAMFVPTGALTPEKQDS
FHWQSGSNASVFFKISDPPARITIPFMCINSAYSVFYDGFAGFEKNGLYGINPADTIGNLCVRIVNEHQPVGFTVTVRVY
MKPKHIKAWAPRPPRTLPYMSIANANYKGKERAPNALSAIIGNRDSVKTMPHNIVNT
;
A
2 'polypeptide(L)'
;SPSAEACGYSDRVLQLKLGNSAIVTQEAANYCCAYGEWPNYLPDHEAVAIDKPTQPETATDRFYTLKSVKWETGSTGWWW
KLPDALNNIGMFGQNVQHHYLYRSGFLIHVQCNATKFHQGALLVVAIPEHQRGAHNTNTSPGFDDIMKGEEGGTFNHPYV
LDDGTSLACATIFPHQWINLRTNNSATIVLPWMNAAPMDFPLRHNQWTLAIIPVVPLGTRTTSSMVPITVSIAPMCCEFN
GLRHAITQ
;
B
3 'polypeptide(L)'
;GVPTYLLPGSGQFLTTDDHSSAPALPCFNPTPEMHIPGQVRNMLEVVQVESMMEINNTESAVGMERLKVDISALTDVDQL
LFNIPLDIQLDGPLRNTLVGNISRYYTHWSGSLEMTFMFCGSFMAAGKLILCYTPPGGSCPTTRETAMLGTHIVWDFGLQ
SSVTLIIPWISGSHYRMFNNDAKSTNANVGYVTCFMQTNLIVPSESSDTCSLIGFIAAKDDFSLRLMRDSPDIGQLDHLH
AAEAAYQ
;
C
4 'polypeptide(L)' GAQVTRQQTGTHENANIATNGSHITYNQINFYKDSYAASASKQDFSQDPSKFTEPVVEGLKAGAPVLK D
5 'polypeptide(L)'
;QVQLQESGPGLVKPSETLSLTCTVSGYLISNGYYWGWIRQSPGKGLEWIGSIYYTRDTYYNWSLKSRITISVDTSKKQFS
LKLYSVTAADTAVYYCVRHEGSCNDGSCYGSFVDNWGQGTLVTVSS
;
H
6 'polypeptide(L)'
;DIQMTQSPSSVSASVGDRVTLTCRASQDISSWLAWYQQKPGKAPKLLIYAASSLQSGVPSRFSGSGSGTHFTLTISSLQP
EDFATYFCQQADSFITFGGGTKVEIK
;
L
#
# COMPACT_ATOMS: atom_id res chain seq x y z
N ILE A 1 -30.33 -4.86 -2.40
CA ILE A 1 -31.14 -4.52 -1.24
C ILE A 1 -30.54 -3.32 -0.51
N GLU A 2 -31.08 -2.13 -0.79
CA GLU A 2 -30.54 -0.91 -0.20
C GLU A 2 -30.65 -0.93 1.32
N SER A 3 -31.88 -0.97 1.84
CA SER A 3 -32.08 -1.23 3.26
C SER A 3 -31.38 -0.23 4.15
N ILE A 4 -31.85 1.02 4.16
CA ILE A 4 -31.26 2.06 5.02
C ILE A 4 -31.09 1.52 6.43
N ILE A 5 -29.85 1.53 6.92
CA ILE A 5 -29.49 1.00 8.23
C ILE A 5 -28.87 2.14 9.04
N LYS A 6 -29.50 2.48 10.16
CA LYS A 6 -29.03 3.59 10.98
C LYS A 6 -28.33 3.15 12.26
N THR A 7 -28.72 2.02 12.86
CA THR A 7 -28.02 1.47 14.00
C THR A 7 -27.72 0.00 13.71
N ALA A 8 -27.03 -0.64 14.65
CA ALA A 8 -26.74 -2.06 14.51
C ALA A 8 -28.00 -2.90 14.67
N THR A 9 -27.94 -4.14 14.23
CA THR A 9 -29.13 -4.99 14.18
C THR A 9 -29.30 -5.76 15.48
N ASP A 10 -30.56 -5.99 15.85
CA ASP A 10 -30.93 -6.61 17.11
C ASP A 10 -30.92 -8.13 17.00
N THR A 11 -30.90 -8.79 18.15
CA THR A 11 -30.98 -10.24 18.22
C THR A 11 -32.31 -10.67 18.86
N VAL A 12 -32.65 -11.95 18.66
CA VAL A 12 -33.89 -12.51 19.16
C VAL A 12 -33.58 -13.76 19.98
N LYS A 13 -34.53 -14.13 20.83
CA LYS A 13 -34.34 -15.26 21.73
C LYS A 13 -34.28 -16.56 20.95
N SER A 14 -33.33 -17.42 21.34
CA SER A 14 -33.12 -18.71 20.71
C SER A 14 -33.44 -19.83 21.69
N GLU A 15 -33.88 -20.95 21.15
CA GLU A 15 -34.21 -22.13 21.93
C GLU A 15 -33.38 -23.33 21.47
N ILE A 16 -33.59 -24.46 22.14
CA ILE A 16 -32.87 -25.67 21.80
C ILE A 16 -33.25 -26.12 20.39
N ASN A 17 -32.24 -26.40 19.57
CA ASN A 17 -32.46 -26.80 18.18
C ASN A 17 -31.88 -28.18 17.97
N ALA A 18 -32.65 -29.03 17.28
CA ALA A 18 -32.22 -30.39 16.95
C ALA A 18 -32.61 -30.78 15.52
N GLU A 19 -33.11 -29.83 14.73
CA GLU A 19 -33.57 -30.13 13.39
C GLU A 19 -32.44 -30.66 12.52
N LEU A 20 -32.73 -31.72 11.76
CA LEU A 20 -31.75 -32.36 10.91
C LEU A 20 -32.02 -32.01 9.46
N GLY A 21 -30.97 -32.10 8.63
CA GLY A 21 -31.03 -31.64 7.27
C GLY A 21 -30.74 -30.17 7.07
N VAL A 22 -31.09 -29.34 8.06
CA VAL A 22 -30.75 -27.93 8.07
C VAL A 22 -29.56 -27.74 9.01
N VAL A 23 -28.47 -27.20 8.48
CA VAL A 23 -27.27 -26.96 9.27
C VAL A 23 -26.83 -25.51 9.03
N PRO A 24 -26.99 -24.61 10.01
CA PRO A 24 -26.57 -23.23 9.78
C PRO A 24 -25.07 -23.02 9.95
N SER A 25 -24.41 -23.87 10.75
CA SER A 25 -23.00 -23.66 11.02
C SER A 25 -22.14 -24.08 9.84
N LEU A 26 -22.58 -25.08 9.08
CA LEU A 26 -21.83 -25.51 7.91
C LEU A 26 -22.11 -24.60 6.72
N ASN A 27 -21.06 -24.25 5.99
CA ASN A 27 -21.19 -23.38 4.83
C ASN A 27 -20.14 -23.78 3.79
N ALA A 28 -20.06 -22.99 2.72
CA ALA A 28 -19.17 -23.26 1.60
C ALA A 28 -18.35 -22.01 1.33
N VAL A 29 -17.09 -22.01 1.79
CA VAL A 29 -16.17 -20.95 1.44
C VAL A 29 -15.79 -21.05 -0.04
N GLU A 30 -15.85 -22.25 -0.60
CA GLU A 30 -15.57 -22.46 -2.02
C GLU A 30 -16.37 -21.55 -2.92
N THR A 31 -17.51 -21.05 -2.46
CA THR A 31 -18.43 -20.29 -3.29
C THR A 31 -18.08 -18.82 -3.40
N GLY A 32 -17.10 -18.35 -2.62
CA GLY A 32 -16.78 -16.93 -2.63
C GLY A 32 -17.82 -16.08 -1.96
N ALA A 33 -18.45 -16.61 -0.92
CA ALA A 33 -19.49 -15.90 -0.18
C ALA A 33 -19.19 -15.99 1.31
N THR A 34 -19.77 -15.05 2.06
CA THR A 34 -19.61 -15.03 3.50
C THR A 34 -20.71 -15.87 4.16
N SER A 35 -20.34 -16.52 5.27
CA SER A 35 -21.28 -17.38 5.98
C SER A 35 -22.53 -16.63 6.38
N ASN A 36 -23.69 -17.11 5.95
CA ASN A 36 -24.97 -16.49 6.25
C ASN A 36 -25.59 -17.13 7.50
N THR A 37 -24.88 -16.98 8.61
CA THR A 37 -25.29 -17.57 9.88
C THR A 37 -25.48 -16.46 10.90
N GLU A 38 -26.59 -16.52 11.63
CA GLU A 38 -26.86 -15.56 12.68
C GLU A 38 -26.31 -16.07 14.01
N PRO A 39 -26.14 -15.17 14.99
CA PRO A 39 -25.82 -15.65 16.34
C PRO A 39 -26.93 -16.49 16.95
N GLU A 40 -28.15 -16.41 16.42
CA GLU A 40 -29.25 -17.22 16.92
C GLU A 40 -29.06 -18.69 16.59
N GLU A 41 -28.49 -18.98 15.42
CA GLU A 41 -28.46 -20.36 14.94
C GLU A 41 -27.29 -21.13 15.54
N ALA A 42 -26.26 -20.43 16.01
CA ALA A 42 -25.08 -21.11 16.53
C ALA A 42 -25.22 -21.37 18.03
N ILE A 43 -25.43 -20.30 18.81
CA ILE A 43 -25.57 -20.41 20.25
C ILE A 43 -27.02 -20.06 20.61
N GLN A 44 -27.35 -20.29 21.87
CA GLN A 44 -28.67 -19.95 22.39
C GLN A 44 -28.63 -18.54 22.98
N THR A 45 -29.35 -17.62 22.35
CA THR A 45 -29.24 -16.20 22.63
C THR A 45 -30.46 -15.70 23.40
N ARG A 46 -30.42 -14.42 23.73
CA ARG A 46 -31.51 -13.70 24.35
C ARG A 46 -31.90 -12.51 23.48
N THR A 47 -33.06 -11.94 23.75
CA THR A 47 -33.49 -10.75 23.00
C THR A 47 -32.68 -9.55 23.45
N VAL A 48 -32.05 -8.88 22.49
CA VAL A 48 -31.18 -7.74 22.77
C VAL A 48 -31.48 -6.65 21.75
N ILE A 49 -32.03 -5.54 22.21
CA ILE A 49 -32.25 -4.36 21.37
C ILE A 49 -30.96 -3.55 21.37
N ASN A 50 -30.31 -3.47 20.21
CA ASN A 50 -29.02 -2.81 20.08
C ASN A 50 -29.23 -1.38 19.63
N GLN A 51 -28.71 -0.43 20.40
CA GLN A 51 -28.82 0.98 20.10
C GLN A 51 -27.50 1.59 19.62
N HIS A 52 -26.57 0.76 19.18
CA HIS A 52 -25.27 1.25 18.71
C HIS A 52 -25.40 1.76 17.29
N GLY A 53 -25.10 3.04 17.08
CA GLY A 53 -25.16 3.62 15.76
C GLY A 53 -24.06 3.12 14.84
N VAL A 54 -24.17 3.51 13.57
CA VAL A 54 -23.20 3.14 12.54
C VAL A 54 -22.72 4.36 11.76
N SER A 55 -22.82 5.55 12.34
CA SER A 55 -22.52 6.76 11.58
C SER A 55 -21.03 7.05 11.55
N GLU A 56 -20.31 6.70 12.61
CA GLU A 56 -18.87 6.97 12.66
C GLU A 56 -18.10 6.21 11.60
N THR A 57 -18.68 5.15 11.03
CA THR A 57 -18.01 4.34 10.02
C THR A 57 -18.45 4.67 8.61
N LEU A 58 -19.25 5.71 8.42
CA LEU A 58 -19.61 6.13 7.08
C LEU A 58 -18.36 6.50 6.29
N VAL A 59 -18.44 6.35 4.97
CA VAL A 59 -17.27 6.65 4.14
C VAL A 59 -16.96 8.14 4.16
N GLU A 60 -17.98 8.99 4.24
CA GLU A 60 -17.71 10.42 4.33
C GLU A 60 -17.27 10.82 5.73
N ASN A 61 -17.61 10.01 6.74
CA ASN A 61 -17.03 10.23 8.05
C ASN A 61 -15.63 9.63 8.12
N PHE A 62 -15.41 8.53 7.42
CA PHE A 62 -14.12 7.86 7.44
C PHE A 62 -13.04 8.66 6.71
N LEU A 63 -13.43 9.38 5.65
CA LEU A 63 -12.45 10.03 4.80
C LEU A 63 -12.38 11.54 4.93
N SER A 64 -13.48 12.20 5.32
CA SER A 64 -13.52 13.67 5.32
C SER A 64 -12.91 14.20 6.61
N ARG A 65 -11.57 14.19 6.63
CA ARG A 65 -10.79 14.71 7.74
C ARG A 65 -9.53 15.34 7.18
N ALA A 66 -9.30 16.60 7.52
CA ALA A 66 -8.23 17.36 6.88
C ALA A 66 -6.88 16.77 7.21
N ALA A 67 -6.28 16.10 6.21
CA ALA A 67 -5.00 15.45 6.37
C ALA A 67 -3.92 16.25 5.65
N LEU A 68 -2.70 16.18 6.17
CA LEU A 68 -1.58 16.88 5.56
C LEU A 68 -1.22 16.25 4.22
N VAL A 69 -1.08 17.07 3.19
CA VAL A 69 -0.70 16.59 1.87
C VAL A 69 0.69 17.06 1.47
N SER A 70 1.08 18.28 1.86
CA SER A 70 2.42 18.75 1.55
C SER A 70 2.93 19.60 2.71
N LYS A 71 4.25 19.68 2.80
CA LYS A 71 4.92 20.53 3.78
C LYS A 71 6.25 20.95 3.16
N ARG A 72 6.37 22.22 2.80
CA ARG A 72 7.55 22.73 2.12
C ARG A 72 7.91 24.10 2.66
N SER A 73 9.19 24.29 2.98
CA SER A 73 9.70 25.56 3.43
C SER A 73 10.57 26.19 2.35
N PHE A 74 10.65 27.52 2.38
CA PHE A 74 11.50 28.25 1.46
C PHE A 74 11.96 29.53 2.12
N GLU A 75 13.08 30.06 1.63
CA GLU A 75 13.68 31.25 2.22
C GLU A 75 13.01 32.52 1.73
N TYR A 76 12.83 33.46 2.64
CA TYR A 76 12.36 34.80 2.31
C TYR A 76 13.50 35.81 2.33
N LYS A 77 14.67 35.38 1.86
CA LYS A 77 15.82 36.25 1.79
C LYS A 77 15.90 36.88 0.41
N ASP A 78 17.00 37.58 0.16
CA ASP A 78 17.35 38.06 -1.17
C ASP A 78 18.31 37.06 -1.80
N HIS A 79 17.86 36.38 -2.84
CA HIS A 79 18.63 35.32 -3.47
C HIS A 79 19.47 35.92 -4.59
N THR A 80 20.74 36.22 -4.28
CA THR A 80 21.69 36.69 -5.26
C THR A 80 22.61 35.59 -5.77
N SER A 81 23.04 34.69 -4.89
CA SER A 81 23.91 33.59 -5.30
C SER A 81 23.16 32.60 -6.18
N SER A 82 23.82 32.14 -7.24
CA SER A 82 23.20 31.26 -8.23
C SER A 82 23.05 29.87 -7.63
N THR A 83 21.99 29.70 -6.86
CA THR A 83 21.64 28.43 -6.23
C THR A 83 20.19 28.57 -5.75
N ALA A 84 19.70 27.57 -5.02
CA ALA A 84 18.31 27.52 -4.57
C ALA A 84 17.35 27.54 -5.75
N ARG A 85 17.71 26.84 -6.82
CA ARG A 85 16.95 26.90 -8.07
C ARG A 85 15.52 26.44 -7.86
N ALA A 86 14.58 27.13 -8.51
CA ALA A 86 13.14 26.94 -8.45
C ALA A 86 12.58 27.29 -7.08
N ASP A 87 13.42 27.65 -6.10
CA ASP A 87 13.00 28.00 -4.76
C ASP A 87 13.67 29.33 -4.40
N LYS A 88 13.05 30.43 -4.83
CA LYS A 88 13.52 31.78 -4.53
C LYS A 88 12.28 32.63 -4.24
N ASN A 89 11.88 32.66 -2.97
CA ASN A 89 10.68 33.33 -2.48
C ASN A 89 9.42 32.71 -3.06
N PHE A 90 9.49 31.51 -3.64
CA PHE A 90 8.30 30.86 -4.15
C PHE A 90 8.58 29.36 -4.21
N PHE A 91 7.51 28.59 -4.37
CA PHE A 91 7.63 27.18 -4.70
C PHE A 91 6.39 26.75 -5.46
N LYS A 92 6.51 25.63 -6.17
CA LYS A 92 5.39 25.01 -6.84
C LYS A 92 5.29 23.57 -6.39
N TRP A 93 4.16 22.94 -6.66
CA TRP A 93 3.90 21.59 -6.17
C TRP A 93 2.74 20.99 -6.95
N THR A 94 2.97 19.82 -7.54
CA THR A 94 1.93 19.07 -8.22
C THR A 94 1.09 18.34 -7.18
N ILE A 95 -0.18 18.71 -7.07
CA ILE A 95 -1.04 18.16 -6.03
C ILE A 95 -1.13 16.64 -6.17
N ASN A 96 -0.63 15.93 -5.17
CA ASN A 96 -0.77 14.49 -5.11
C ASN A 96 -1.01 14.07 -3.67
N THR A 97 -1.79 13.01 -3.49
CA THR A 97 -2.06 12.47 -2.17
C THR A 97 -1.05 11.43 -1.72
N ARG A 98 -0.17 11.00 -2.62
CA ARG A 98 0.76 9.91 -2.34
C ARG A 98 2.08 10.40 -1.78
N SER A 99 2.04 11.26 -0.76
CA SER A 99 3.28 11.77 -0.18
C SER A 99 3.35 11.59 1.33
N PHE A 100 2.21 11.52 2.01
CA PHE A 100 2.15 11.25 3.45
C PHE A 100 1.31 10.00 3.64
N VAL A 101 1.89 9.01 4.31
CA VAL A 101 1.37 7.64 4.23
C VAL A 101 0.00 7.51 4.87
N GLN A 102 -0.39 8.43 5.74
CA GLN A 102 -1.68 8.30 6.42
C GLN A 102 -2.84 8.49 5.44
N LEU A 103 -2.92 9.67 4.83
CA LEU A 103 -3.98 9.93 3.87
C LEU A 103 -3.85 9.02 2.66
N ARG A 104 -2.62 8.70 2.26
CA ARG A 104 -2.42 7.80 1.14
C ARG A 104 -3.02 6.43 1.42
N ARG A 105 -2.65 5.82 2.54
CA ARG A 105 -3.16 4.50 2.85
C ARG A 105 -4.66 4.52 3.09
N LYS A 106 -5.18 5.63 3.60
CA LYS A 106 -6.62 5.70 3.83
C LYS A 106 -7.37 5.79 2.51
N LEU A 107 -6.87 6.61 1.57
CA LEU A 107 -7.51 6.75 0.28
C LEU A 107 -7.33 5.52 -0.59
N GLU A 108 -6.29 4.72 -0.37
CA GLU A 108 -6.03 3.54 -1.18
C GLU A 108 -6.74 2.30 -0.66
N LEU A 109 -7.84 2.49 0.07
CA LEU A 109 -8.75 1.39 0.39
C LEU A 109 -9.86 1.25 -0.62
N PHE A 110 -9.88 2.10 -1.64
CA PHE A 110 -10.92 2.10 -2.67
C PHE A 110 -10.27 2.21 -4.02
N THR A 111 -10.93 1.65 -5.04
CA THR A 111 -10.36 1.68 -6.38
C THR A 111 -10.63 3.01 -7.06
N TYR A 112 -11.84 3.55 -6.89
CA TYR A 112 -12.22 4.83 -7.46
C TYR A 112 -12.82 5.69 -6.36
N LEU A 113 -12.53 6.99 -6.43
CA LEU A 113 -13.07 7.96 -5.49
C LEU A 113 -13.58 9.16 -6.27
N ARG A 114 -14.65 9.76 -5.75
CA ARG A 114 -15.21 10.98 -6.32
C ARG A 114 -15.50 11.93 -5.17
N PHE A 115 -14.72 13.00 -5.06
CA PHE A 115 -14.90 13.94 -3.98
C PHE A 115 -14.55 15.34 -4.46
N ASP A 116 -15.06 16.34 -3.75
CA ASP A 116 -14.69 17.74 -3.93
C ASP A 116 -13.67 18.07 -2.84
N ALA A 117 -12.42 18.21 -3.24
CA ALA A 117 -11.36 18.49 -2.27
C ALA A 117 -11.48 19.91 -1.73
N GLU A 118 -11.11 20.07 -0.46
CA GLU A 118 -11.09 21.36 0.21
C GLU A 118 -9.69 21.61 0.74
N ILE A 119 -9.02 22.60 0.19
CA ILE A 119 -7.63 22.86 0.50
C ILE A 119 -7.53 23.89 1.61
N THR A 120 -6.47 23.79 2.41
CA THR A 120 -6.21 24.73 3.49
C THR A 120 -4.71 24.94 3.58
N ILE A 121 -4.27 26.18 3.43
CA ILE A 121 -2.86 26.53 3.47
C ILE A 121 -2.56 27.16 4.82
N LEU A 122 -1.61 26.57 5.55
CA LEU A 122 -1.19 27.04 6.86
C LEU A 122 0.26 27.47 6.78
N THR A 123 0.54 28.73 7.08
CA THR A 123 1.85 29.32 6.86
C THR A 123 2.46 29.77 8.18
N THR A 124 3.75 29.45 8.38
CA THR A 124 4.51 29.89 9.52
C THR A 124 5.82 30.49 9.04
N VAL A 125 6.37 31.42 9.82
CA VAL A 125 7.60 32.13 9.46
C VAL A 125 8.56 32.04 10.64
N ALA A 126 9.85 32.08 10.34
CA ALA A 126 10.89 31.97 11.36
C ALA A 126 12.14 32.71 10.91
N VAL A 127 12.74 33.46 11.82
CA VAL A 127 13.91 34.26 11.48
C VAL A 127 15.13 33.35 11.33
N ASN A 128 16.06 33.79 10.49
CA ASN A 128 17.31 33.07 10.24
C ASN A 128 18.43 33.66 11.08
N GLY A 129 19.09 32.82 11.85
CA GLY A 129 20.27 33.24 12.59
C GLY A 129 21.54 32.80 11.91
N SER A 130 21.55 32.87 10.57
CA SER A 130 22.63 32.28 9.80
C SER A 130 23.97 32.97 10.10
N GLY A 131 23.96 34.30 10.18
CA GLY A 131 25.17 35.04 10.47
C GLY A 131 25.11 35.78 11.79
N ASN A 132 24.12 35.47 12.62
CA ASN A 132 23.88 36.20 13.85
C ASN A 132 23.07 35.33 14.81
N ASN A 133 22.69 35.93 15.94
CA ASN A 133 21.79 35.31 16.90
C ASN A 133 20.74 36.29 17.40
N THR A 134 20.20 37.11 16.50
CA THR A 134 19.34 38.23 16.86
C THR A 134 17.95 38.01 16.29
N TYR A 135 16.94 38.01 17.16
CA TYR A 135 15.54 37.91 16.77
C TYR A 135 14.97 39.32 16.76
N VAL A 136 14.70 39.83 15.55
CA VAL A 136 14.23 41.21 15.43
C VAL A 136 12.71 41.27 15.41
N GLY A 137 12.06 40.19 15.03
CA GLY A 137 10.61 40.16 14.98
C GLY A 137 10.14 39.32 13.81
N LEU A 138 8.82 39.16 13.75
CA LEU A 138 8.19 38.36 12.70
C LEU A 138 7.27 39.26 11.87
N PRO A 139 7.44 39.31 10.55
CA PRO A 139 6.65 40.24 9.75
C PRO A 139 5.30 39.67 9.36
N ASP A 140 4.42 40.57 8.94
CA ASP A 140 3.09 40.20 8.46
C ASP A 140 3.17 40.15 6.93
N LEU A 141 3.49 38.98 6.40
CA LEU A 141 3.71 38.80 4.97
C LEU A 141 2.42 38.29 4.32
N THR A 142 2.09 38.86 3.16
CA THR A 142 1.04 38.30 2.34
C THR A 142 1.62 37.28 1.38
N LEU A 143 0.90 36.17 1.20
CA LEU A 143 1.28 35.13 0.28
C LEU A 143 0.24 35.03 -0.81
N GLN A 144 0.64 34.48 -1.95
CA GLN A 144 -0.27 34.19 -3.04
C GLN A 144 -0.12 32.75 -3.46
N ALA A 145 -1.24 32.03 -3.46
CA ALA A 145 -1.29 30.64 -3.94
C ALA A 145 -2.14 30.62 -5.20
N MET A 146 -1.50 30.43 -6.34
CA MET A 146 -2.18 30.37 -7.63
C MET A 146 -2.36 28.92 -8.04
N PHE A 147 -3.60 28.53 -8.31
CA PHE A 147 -3.93 27.16 -8.72
C PHE A 147 -3.81 27.08 -10.24
N VAL A 148 -2.74 26.46 -10.71
CA VAL A 148 -2.47 26.31 -12.14
C VAL A 148 -2.95 24.93 -12.56
N PRO A 149 -3.89 24.81 -13.49
CA PRO A 149 -4.29 23.48 -13.96
C PRO A 149 -3.12 22.74 -14.57
N THR A 150 -3.07 21.43 -14.35
CA THR A 150 -1.90 20.66 -14.73
C THR A 150 -1.71 20.69 -16.25
N GLY A 151 -0.46 20.79 -16.67
CA GLY A 151 -0.14 20.99 -18.07
C GLY A 151 -0.16 22.43 -18.53
N ALA A 152 -0.27 23.38 -17.61
CA ALA A 152 -0.23 24.80 -17.94
C ALA A 152 1.05 25.42 -17.40
N LEU A 153 1.57 26.41 -18.12
CA LEU A 153 2.86 27.00 -17.78
C LEU A 153 2.77 27.74 -16.45
N THR A 154 3.50 27.24 -15.45
CA THR A 154 3.54 27.82 -14.13
C THR A 154 4.50 28.99 -14.08
N PRO A 155 4.40 29.85 -13.06
CA PRO A 155 5.38 30.93 -12.91
C PRO A 155 6.77 30.40 -12.67
N GLU A 156 7.72 30.89 -13.46
CA GLU A 156 9.10 30.41 -13.38
C GLU A 156 9.85 31.10 -12.25
N LYS A 157 9.41 32.29 -11.85
CA LYS A 157 9.99 33.01 -10.72
C LYS A 157 8.89 33.76 -10.00
N GLN A 158 9.27 34.49 -8.95
CA GLN A 158 8.26 35.12 -8.11
C GLN A 158 8.05 36.58 -8.50
N ASP A 159 9.00 37.15 -9.25
CA ASP A 159 8.83 38.47 -9.84
C ASP A 159 8.21 38.42 -11.22
N SER A 160 7.97 37.23 -11.76
CA SER A 160 7.49 37.08 -13.12
C SER A 160 6.09 37.67 -13.28
N PHE A 161 5.74 37.97 -14.52
CA PHE A 161 4.44 38.50 -14.88
C PHE A 161 3.39 37.42 -15.03
N HIS A 162 3.72 36.18 -14.71
CA HIS A 162 2.75 35.09 -14.78
C HIS A 162 1.87 35.00 -13.55
N TRP A 163 2.13 35.84 -12.55
CA TRP A 163 1.37 35.84 -11.31
C TRP A 163 0.16 36.75 -11.35
N GLN A 164 0.00 37.53 -12.42
CA GLN A 164 -1.12 38.47 -12.48
C GLN A 164 -2.46 37.75 -12.46
N SER A 165 -2.47 36.47 -12.82
CA SER A 165 -3.63 35.59 -12.65
C SER A 165 -4.86 36.15 -13.37
N GLY A 166 -4.75 36.21 -14.70
CA GLY A 166 -5.90 36.58 -15.50
C GLY A 166 -7.09 35.66 -15.25
N SER A 167 -6.96 34.39 -15.61
CA SER A 167 -8.01 33.42 -15.42
C SER A 167 -7.71 32.36 -14.37
N ASN A 168 -6.45 32.23 -13.97
CA ASN A 168 -6.09 31.24 -12.96
C ASN A 168 -6.69 31.61 -11.61
N ALA A 169 -7.27 30.61 -10.94
CA ALA A 169 -7.76 30.82 -9.59
C ALA A 169 -6.60 31.13 -8.66
N SER A 170 -6.69 32.26 -7.96
CA SER A 170 -5.64 32.70 -7.07
C SER A 170 -6.24 33.09 -5.73
N VAL A 171 -5.42 33.05 -4.69
CA VAL A 171 -5.83 33.44 -3.35
C VAL A 171 -4.68 34.18 -2.68
N PHE A 172 -5.00 35.23 -1.95
CA PHE A 172 -4.03 36.01 -1.19
C PHE A 172 -4.40 35.92 0.27
N PHE A 173 -3.40 35.70 1.12
CA PHE A 173 -3.64 35.53 2.54
C PHE A 173 -2.42 35.96 3.33
N LYS A 174 -2.65 36.65 4.45
CA LYS A 174 -1.57 37.03 5.33
C LYS A 174 -1.30 35.91 6.33
N ILE A 175 -0.06 35.86 6.83
CA ILE A 175 0.31 34.82 7.79
C ILE A 175 -0.47 34.97 9.08
N SER A 176 -0.76 36.21 9.48
CA SER A 176 -1.51 36.45 10.72
C SER A 176 -2.96 36.00 10.59
N ASP A 177 -3.47 35.92 9.36
CA ASP A 177 -4.86 35.54 9.13
C ASP A 177 -5.12 34.10 9.57
N PRO A 178 -6.38 33.70 9.66
CA PRO A 178 -6.69 32.28 9.70
C PRO A 178 -6.20 31.61 8.43
N PRO A 179 -5.97 30.30 8.46
CA PRO A 179 -5.49 29.61 7.26
C PRO A 179 -6.42 29.81 6.07
N ALA A 180 -5.83 30.02 4.91
CA ALA A 180 -6.62 30.21 3.69
C ALA A 180 -7.27 28.90 3.29
N ARG A 181 -8.58 28.94 3.07
CA ARG A 181 -9.33 27.74 2.74
C ARG A 181 -10.15 27.97 1.48
N ILE A 182 -10.00 27.06 0.52
CA ILE A 182 -10.77 27.08 -0.72
C ILE A 182 -11.29 25.67 -0.98
N THR A 183 -12.12 25.54 -2.00
CA THR A 183 -12.65 24.26 -2.42
C THR A 183 -12.34 24.03 -3.89
N ILE A 184 -11.73 22.89 -4.19
CA ILE A 184 -11.54 22.43 -5.56
C ILE A 184 -12.68 21.48 -5.89
N PRO A 185 -13.38 21.66 -7.01
CA PRO A 185 -14.47 20.75 -7.35
C PRO A 185 -13.96 19.37 -7.78
N PHE A 186 -14.86 18.46 -8.14
CA PHE A 186 -14.43 17.19 -8.71
C PHE A 186 -14.07 17.44 -10.17
N MET A 187 -12.83 17.87 -10.38
CA MET A 187 -12.35 18.20 -11.72
C MET A 187 -11.54 17.05 -12.30
N CYS A 188 -12.27 16.01 -12.70
CA CYS A 188 -11.69 14.86 -13.40
C CYS A 188 -12.47 14.64 -14.69
N ILE A 189 -11.76 14.22 -15.74
CA ILE A 189 -12.42 14.02 -17.02
C ILE A 189 -13.32 12.79 -16.97
N ASN A 190 -13.13 11.94 -15.97
CA ASN A 190 -13.95 10.76 -15.78
C ASN A 190 -14.96 10.97 -14.66
N SER A 191 -15.70 9.91 -14.33
CA SER A 191 -16.72 10.01 -13.30
C SER A 191 -16.17 9.73 -11.91
N ALA A 192 -14.90 9.36 -11.80
CA ALA A 192 -14.28 9.09 -10.52
C ALA A 192 -12.77 9.08 -10.70
N TYR A 193 -12.05 9.56 -9.69
CA TYR A 193 -10.60 9.48 -9.70
C TYR A 193 -10.17 8.02 -9.67
N SER A 194 -9.05 7.74 -10.31
CA SER A 194 -8.47 6.40 -10.31
C SER A 194 -7.32 6.40 -9.31
N VAL A 195 -7.61 5.93 -8.09
CA VAL A 195 -6.58 5.80 -7.08
C VAL A 195 -5.49 4.85 -7.56
N PHE A 196 -5.88 3.78 -8.24
CA PHE A 196 -4.97 2.82 -8.82
C PHE A 196 -5.19 2.78 -10.32
N TYR A 197 -4.11 2.84 -11.07
CA TYR A 197 -4.16 2.81 -12.53
C TYR A 197 -3.33 1.63 -13.02
N ASP A 198 -3.98 0.72 -13.74
CA ASP A 198 -3.32 -0.46 -14.29
C ASP A 198 -2.95 -0.29 -15.75
N GLY A 199 -2.56 0.93 -16.14
CA GLY A 199 -2.22 1.20 -17.52
C GLY A 199 -1.13 2.23 -17.63
N PHE A 200 -0.78 2.53 -18.87
CA PHE A 200 0.24 3.51 -19.21
C PHE A 200 -0.43 4.77 -19.74
N ALA A 201 0.13 5.93 -19.41
CA ALA A 201 -0.53 7.19 -19.69
C ALA A 201 -0.76 7.41 -21.18
N GLY A 202 0.31 7.36 -21.97
CA GLY A 202 0.24 7.69 -23.37
C GLY A 202 0.41 6.51 -24.30
N PHE A 203 0.33 6.79 -25.60
CA PHE A 203 0.39 5.72 -26.59
C PHE A 203 1.80 5.20 -26.77
N GLU A 204 2.81 6.04 -26.60
CA GLU A 204 4.20 5.60 -26.69
C GLU A 204 4.48 4.54 -25.63
N LYS A 205 5.45 3.67 -25.91
CA LYS A 205 5.67 2.48 -25.10
C LYS A 205 6.01 2.82 -23.66
N ASN A 206 6.96 3.73 -23.45
CA ASN A 206 7.35 4.13 -22.10
C ASN A 206 6.47 5.29 -21.68
N GLY A 207 5.41 4.98 -20.92
CA GLY A 207 4.45 5.98 -20.52
C GLY A 207 4.17 6.06 -19.04
N LEU A 208 5.18 5.80 -18.20
CA LEU A 208 5.06 5.99 -16.76
C LEU A 208 3.92 5.19 -16.14
N TYR A 209 4.06 3.86 -16.15
CA TYR A 209 3.08 2.96 -15.54
C TYR A 209 2.53 3.49 -14.22
N GLY A 210 1.22 3.38 -14.04
CA GLY A 210 0.58 3.62 -12.77
C GLY A 210 0.13 5.04 -12.52
N ILE A 211 0.69 6.02 -13.22
CA ILE A 211 0.31 7.41 -13.03
C ILE A 211 -0.70 7.79 -14.10
N ASN A 212 -1.91 8.14 -13.68
CA ASN A 212 -2.95 8.62 -14.58
C ASN A 212 -2.93 10.14 -14.60
N PRO A 213 -2.73 10.77 -15.76
CA PRO A 213 -2.73 12.24 -15.79
C PRO A 213 -4.06 12.86 -15.44
N ALA A 214 -5.15 12.09 -15.55
CA ALA A 214 -6.46 12.62 -15.21
C ALA A 214 -6.65 12.70 -13.71
N ASP A 215 -6.00 11.82 -12.95
CA ASP A 215 -6.12 11.85 -11.49
C ASP A 215 -5.47 13.10 -10.91
N THR A 216 -4.42 13.60 -11.55
CA THR A 216 -3.72 14.77 -11.02
C THR A 216 -4.63 15.99 -11.06
N ILE A 217 -4.88 16.56 -9.88
CA ILE A 217 -5.79 17.71 -9.78
C ILE A 217 -5.22 18.90 -10.53
N GLY A 218 -4.00 19.31 -10.19
CA GLY A 218 -3.39 20.43 -10.89
C GLY A 218 -2.00 20.72 -10.39
N ASN A 219 -1.74 22.01 -10.20
CA ASN A 219 -0.44 22.51 -9.79
C ASN A 219 -0.66 23.73 -8.91
N LEU A 220 0.00 23.75 -7.76
CA LEU A 220 -0.19 24.80 -6.77
C LEU A 220 1.10 25.58 -6.61
N CYS A 221 1.07 26.84 -7.04
CA CYS A 221 2.22 27.74 -6.96
C CYS A 221 2.01 28.69 -5.80
N VAL A 222 3.01 28.81 -4.92
CA VAL A 222 2.92 29.68 -3.76
C VAL A 222 4.16 30.57 -3.73
N ARG A 223 3.94 31.89 -3.66
CA ARG A 223 5.01 32.86 -3.57
C ARG A 223 4.76 33.80 -2.41
N ILE A 224 5.71 34.69 -2.16
CA ILE A 224 5.53 35.79 -1.24
C ILE A 224 5.39 37.07 -2.05
N VAL A 225 4.21 37.69 -1.98
CA VAL A 225 3.95 38.89 -2.77
C VAL A 225 4.89 40.02 -2.36
N ASN A 226 5.27 40.07 -1.08
CA ASN A 226 6.14 41.13 -0.59
C ASN A 226 7.51 41.08 -1.26
N GLU A 227 8.20 42.21 -1.22
CA GLU A 227 9.62 42.23 -1.57
C GLU A 227 10.45 41.87 -0.34
N HIS A 228 11.66 41.38 -0.58
CA HIS A 228 12.51 40.90 0.49
C HIS A 228 12.90 42.03 1.43
N GLN A 229 13.12 41.69 2.70
CA GLN A 229 13.49 42.64 3.74
C GLN A 229 15.02 42.64 3.85
N PRO A 230 15.61 43.57 4.62
CA PRO A 230 17.07 43.51 4.80
C PRO A 230 17.57 42.23 5.44
N VAL A 231 16.72 41.54 6.20
CA VAL A 231 17.09 40.29 6.83
C VAL A 231 16.35 39.15 6.15
N GLY A 232 16.71 37.90 6.47
CA GLY A 232 16.13 36.73 5.86
C GLY A 232 15.18 36.01 6.79
N PHE A 233 14.19 35.33 6.20
CA PHE A 233 13.23 34.52 6.93
C PHE A 233 13.08 33.18 6.22
N THR A 234 12.48 32.22 6.92
CA THR A 234 12.18 30.92 6.35
C THR A 234 10.70 30.65 6.52
N VAL A 235 9.99 30.52 5.41
CA VAL A 235 8.54 30.40 5.39
C VAL A 235 8.17 28.96 5.10
N THR A 236 7.51 28.31 6.05
CA THR A 236 7.04 26.94 5.89
C THR A 236 5.55 26.96 5.59
N VAL A 237 5.15 26.30 4.50
CA VAL A 237 3.77 26.27 4.05
C VAL A 237 3.28 24.83 4.14
N ARG A 238 2.26 24.60 4.96
CA ARG A 238 1.62 23.30 5.11
C ARG A 238 0.27 23.33 4.40
N VAL A 239 0.06 22.35 3.53
CA VAL A 239 -1.21 22.23 2.81
C VAL A 239 -1.98 21.07 3.44
N TYR A 240 -3.27 21.29 3.67
CA TYR A 240 -4.17 20.27 4.22
C TYR A 240 -5.31 20.06 3.23
N MET A 241 -5.67 18.79 3.01
CA MET A 241 -6.72 18.45 2.07
C MET A 241 -7.79 17.65 2.80
N LYS A 242 -9.04 18.04 2.59
CA LYS A 242 -10.18 17.39 3.23
C LYS A 242 -11.20 17.01 2.15
N PRO A 243 -11.39 15.73 1.86
CA PRO A 243 -12.37 15.36 0.84
C PRO A 243 -13.79 15.64 1.31
N LYS A 244 -14.63 16.08 0.38
CA LYS A 244 -16.03 16.36 0.66
C LYS A 244 -16.90 15.67 -0.38
N HIS A 245 -18.13 15.37 0.02
CA HIS A 245 -19.12 14.74 -0.87
C HIS A 245 -18.55 13.48 -1.50
N ILE A 246 -18.06 12.57 -0.66
CA ILE A 246 -17.23 11.46 -1.10
C ILE A 246 -18.11 10.32 -1.59
N LYS A 247 -17.71 9.73 -2.71
CA LYS A 247 -18.27 8.47 -3.19
C LYS A 247 -17.11 7.53 -3.47
N ALA A 248 -17.26 6.27 -3.07
CA ALA A 248 -16.18 5.30 -3.12
C ALA A 248 -16.68 4.00 -3.70
N TRP A 249 -15.83 3.35 -4.51
CA TRP A 249 -16.19 2.13 -5.20
C TRP A 249 -15.08 1.09 -5.04
N ALA A 250 -15.48 -0.18 -5.03
CA ALA A 250 -14.58 -1.33 -5.12
C ALA A 250 -13.48 -1.29 -4.07
N PRO A 251 -13.80 -1.60 -2.81
CA PRO A 251 -12.77 -1.54 -1.76
C PRO A 251 -11.63 -2.53 -2.02
N ARG A 252 -10.49 -2.23 -1.43
CA ARG A 252 -9.24 -2.96 -1.65
C ARG A 252 -8.59 -3.32 -0.34
N PRO A 253 -7.66 -4.27 -0.34
CA PRO A 253 -6.86 -4.53 0.83
C PRO A 253 -6.03 -3.31 1.20
N PRO A 254 -5.85 -3.05 2.50
CA PRO A 254 -4.99 -1.94 2.90
C PRO A 254 -3.53 -2.31 2.71
N ARG A 255 -2.71 -1.28 2.50
CA ARG A 255 -1.28 -1.49 2.32
C ARG A 255 -0.66 -1.98 3.62
N THR A 256 0.13 -3.05 3.51
CA THR A 256 0.82 -3.61 4.67
C THR A 256 2.27 -3.15 4.77
N LEU A 257 3.06 -3.39 3.73
CA LEU A 257 4.46 -3.01 3.77
C LEU A 257 4.62 -1.50 3.67
N PRO A 258 5.69 -0.95 4.21
CA PRO A 258 5.91 0.50 4.12
C PRO A 258 6.02 0.96 2.67
N TYR A 259 5.57 2.17 2.42
CA TYR A 259 5.67 2.76 1.08
C TYR A 259 7.11 3.13 0.78
N MET A 260 7.52 2.87 -0.47
CA MET A 260 8.86 3.18 -0.91
C MET A 260 8.95 4.51 -1.66
N SER A 261 8.01 4.78 -2.54
CA SER A 261 8.05 5.94 -3.41
C SER A 261 6.66 6.54 -3.55
N ILE A 262 6.60 7.77 -4.05
CA ILE A 262 5.31 8.41 -4.29
C ILE A 262 4.76 8.04 -5.65
N ALA A 263 5.62 7.54 -6.55
CA ALA A 263 5.22 7.33 -7.92
C ALA A 263 4.54 5.97 -8.10
N ASN A 264 5.04 4.95 -7.42
CA ASN A 264 4.67 3.58 -7.72
C ASN A 264 4.34 2.82 -6.44
N ALA A 265 3.82 1.60 -6.61
CA ALA A 265 3.43 0.73 -5.51
C ALA A 265 4.52 -0.26 -5.14
N ASN A 266 5.79 0.14 -5.30
CA ASN A 266 6.90 -0.73 -4.97
C ASN A 266 6.91 -1.05 -3.48
N TYR A 267 7.57 -2.15 -3.14
CA TYR A 267 7.63 -2.61 -1.76
C TYR A 267 9.01 -3.17 -1.47
N LYS A 268 9.43 -3.05 -0.24
CA LYS A 268 10.65 -3.67 0.27
C LYS A 268 10.40 -4.45 1.54
N GLY A 269 9.50 -3.98 2.39
CA GLY A 269 9.21 -4.64 3.66
C GLY A 269 10.24 -4.32 4.72
N LYS A 270 9.77 -4.24 5.96
CA LYS A 270 10.66 -4.02 7.09
C LYS A 270 11.62 -5.19 7.27
N GLU A 271 12.51 -5.05 8.25
CA GLU A 271 13.55 -6.05 8.44
C GLU A 271 13.06 -7.19 9.31
N ARG A 272 12.50 -6.87 10.47
CA ARG A 272 12.17 -7.87 11.48
C ARG A 272 10.74 -8.36 11.30
N ALA A 273 10.23 -9.08 12.30
CA ALA A 273 8.99 -9.83 12.15
C ALA A 273 7.77 -9.01 11.76
N PRO A 274 7.53 -7.81 12.30
CA PRO A 274 6.33 -7.08 11.87
C PRO A 274 6.52 -6.33 10.56
N ASN A 275 5.58 -6.52 9.64
CA ASN A 275 5.51 -5.86 8.34
C ASN A 275 6.71 -6.13 7.45
N ALA A 276 7.39 -7.26 7.63
CA ALA A 276 8.39 -7.69 6.65
C ALA A 276 7.71 -8.38 5.48
N LEU A 277 8.52 -8.80 4.51
CA LEU A 277 7.98 -9.60 3.42
C LEU A 277 7.71 -11.03 3.88
N SER A 278 8.69 -11.69 4.49
CA SER A 278 8.48 -13.04 5.00
C SER A 278 7.37 -13.07 6.05
N ALA A 279 7.38 -12.12 6.97
CA ALA A 279 6.44 -12.08 8.08
C ALA A 279 5.74 -10.74 8.10
N ILE A 280 4.42 -10.75 7.92
CA ILE A 280 3.63 -9.55 8.14
C ILE A 280 3.20 -9.41 9.60
N ILE A 281 2.76 -10.49 10.23
CA ILE A 281 2.35 -10.50 11.63
C ILE A 281 3.55 -10.90 12.47
N GLY A 282 3.73 -10.23 13.60
CA GLY A 282 4.84 -10.57 14.48
C GLY A 282 4.79 -12.03 14.89
N ASN A 283 5.97 -12.63 15.02
CA ASN A 283 6.07 -14.04 15.31
C ASN A 283 5.73 -14.34 16.76
N ARG A 284 5.32 -15.59 17.01
CA ARG A 284 5.13 -16.10 18.35
C ARG A 284 5.84 -17.45 18.45
N ASP A 285 5.89 -17.97 19.68
CA ASP A 285 6.65 -19.20 19.93
C ASP A 285 6.16 -20.35 19.06
N SER A 286 4.88 -20.69 19.16
CA SER A 286 4.29 -21.78 18.37
C SER A 286 2.82 -21.47 18.18
N VAL A 287 2.14 -22.32 17.40
CA VAL A 287 0.72 -22.11 17.18
C VAL A 287 -0.06 -22.30 18.47
N LYS A 288 0.37 -23.24 19.31
CA LYS A 288 -0.26 -23.47 20.61
C LYS A 288 0.53 -22.76 21.72
N THR A 289 0.71 -21.46 21.57
CA THR A 289 1.24 -20.63 22.64
C THR A 289 0.44 -19.33 22.66
N MET A 290 0.36 -18.72 23.84
CA MET A 290 -0.35 -17.46 23.98
C MET A 290 0.65 -16.35 24.19
N PRO A 291 0.60 -15.28 23.39
CA PRO A 291 1.62 -14.22 23.53
C PRO A 291 1.65 -13.59 24.91
N HIS A 292 0.49 -13.30 25.47
CA HIS A 292 0.37 -12.83 26.85
C HIS A 292 -1.00 -13.23 27.37
N ASN A 293 -1.05 -14.30 28.16
CA ASN A 293 -2.29 -14.80 28.73
C ASN A 293 -2.21 -14.76 30.24
N ILE A 294 -3.36 -14.54 30.89
CA ILE A 294 -3.40 -14.33 32.32
C ILE A 294 -2.91 -15.58 33.03
N VAL A 295 -2.07 -15.39 34.05
CA VAL A 295 -1.62 -16.47 34.92
C VAL A 295 -1.61 -15.93 36.35
N ASN A 296 -2.52 -16.43 37.18
CA ASN A 296 -2.62 -15.97 38.56
C ASN A 296 -2.48 -17.14 39.54
N SER B 10 -27.47 -30.19 -7.68
CA SER B 10 -28.16 -29.15 -8.41
C SER B 10 -27.26 -27.94 -8.61
N ASP B 11 -26.85 -27.32 -7.51
CA ASP B 11 -25.95 -26.18 -7.55
C ASP B 11 -24.50 -26.57 -7.79
N ARG B 12 -24.24 -27.83 -8.13
CA ARG B 12 -22.91 -28.31 -8.47
C ARG B 12 -22.77 -28.65 -9.94
N VAL B 13 -23.88 -28.74 -10.69
CA VAL B 13 -23.86 -28.97 -12.12
C VAL B 13 -24.23 -27.66 -12.79
N LEU B 14 -23.35 -27.15 -13.63
CA LEU B 14 -23.54 -25.86 -14.27
C LEU B 14 -23.14 -25.95 -15.73
N GLN B 15 -23.91 -25.30 -16.60
CA GLN B 15 -23.61 -25.22 -18.01
C GLN B 15 -23.67 -23.78 -18.46
N LEU B 16 -22.65 -23.34 -19.18
CA LEU B 16 -22.53 -21.98 -19.68
C LEU B 16 -22.46 -22.04 -21.19
N LYS B 17 -23.48 -21.50 -21.86
CA LYS B 17 -23.55 -21.51 -23.32
C LYS B 17 -23.42 -20.08 -23.83
N LEU B 18 -22.26 -19.76 -24.40
CA LEU B 18 -21.95 -18.43 -24.90
C LEU B 18 -21.52 -18.55 -26.36
N GLY B 19 -22.45 -18.26 -27.27
CA GLY B 19 -22.12 -18.42 -28.68
C GLY B 19 -22.15 -19.87 -29.08
N ASN B 20 -21.14 -20.28 -29.84
CA ASN B 20 -20.98 -21.68 -30.21
C ASN B 20 -20.15 -22.46 -29.20
N SER B 21 -19.59 -21.79 -28.20
CA SER B 21 -18.85 -22.47 -27.15
C SER B 21 -19.77 -22.84 -26.00
N ALA B 22 -19.37 -23.86 -25.25
CA ALA B 22 -20.13 -24.31 -24.10
C ALA B 22 -19.19 -24.98 -23.11
N ILE B 23 -19.53 -24.89 -21.83
CA ILE B 23 -18.79 -25.55 -20.76
C ILE B 23 -19.79 -26.29 -19.90
N VAL B 24 -19.48 -27.55 -19.59
CA VAL B 24 -20.29 -28.37 -18.70
C VAL B 24 -19.39 -28.83 -17.56
N THR B 25 -19.83 -28.58 -16.32
CA THR B 25 -19.02 -28.86 -15.14
C THR B 25 -19.76 -29.83 -14.24
N GLN B 26 -19.01 -30.77 -13.65
CA GLN B 26 -19.61 -31.71 -12.72
C GLN B 26 -19.49 -31.23 -11.28
N GLU B 27 -18.35 -30.65 -10.93
CA GLU B 27 -18.10 -30.12 -9.60
C GLU B 27 -17.97 -28.60 -9.71
N ALA B 28 -19.11 -27.92 -9.66
CA ALA B 28 -19.13 -26.46 -9.65
C ALA B 28 -19.32 -25.95 -8.22
N ALA B 29 -19.24 -24.62 -8.07
CA ALA B 29 -19.36 -24.01 -6.76
C ALA B 29 -20.23 -22.73 -6.84
N ASN B 30 -21.35 -22.83 -7.56
CA ASN B 30 -22.33 -21.74 -7.56
C ASN B 30 -21.74 -20.42 -8.02
N TYR B 31 -21.45 -20.32 -9.32
CA TYR B 31 -20.72 -19.19 -9.90
C TYR B 31 -21.16 -17.85 -9.32
N CYS B 32 -20.19 -16.96 -9.16
CA CYS B 32 -20.41 -15.68 -8.50
C CYS B 32 -20.49 -14.55 -9.53
N CYS B 33 -20.97 -13.40 -9.06
CA CYS B 33 -21.06 -12.18 -9.85
C CYS B 33 -20.32 -11.08 -9.13
N ALA B 34 -19.48 -10.35 -9.84
CA ALA B 34 -18.65 -9.32 -9.22
C ALA B 34 -19.53 -8.16 -8.78
N TYR B 35 -19.60 -7.95 -7.46
CA TYR B 35 -20.36 -6.85 -6.87
C TYR B 35 -21.86 -6.95 -7.19
N GLY B 36 -22.35 -8.17 -7.36
CA GLY B 36 -23.77 -8.38 -7.63
C GLY B 36 -24.24 -7.76 -8.93
N GLU B 37 -23.36 -7.66 -9.91
CA GLU B 37 -23.65 -6.98 -11.16
C GLU B 37 -23.43 -7.92 -12.34
N TRP B 38 -24.33 -7.85 -13.31
CA TRP B 38 -24.24 -8.51 -14.60
C TRP B 38 -23.91 -7.48 -15.68
N PRO B 39 -23.13 -7.85 -16.70
CA PRO B 39 -22.78 -6.87 -17.74
C PRO B 39 -23.99 -6.33 -18.48
N ASN B 40 -23.81 -5.15 -19.09
CA ASN B 40 -24.85 -4.45 -19.81
C ASN B 40 -24.27 -3.86 -21.09
N TYR B 41 -25.03 -2.95 -21.72
CA TYR B 41 -24.74 -2.49 -23.06
C TYR B 41 -24.59 -0.97 -23.18
N LEU B 42 -24.05 -0.31 -22.15
CA LEU B 42 -23.80 1.13 -22.23
C LEU B 42 -25.04 1.91 -22.62
N PRO B 43 -25.97 2.13 -21.70
CA PRO B 43 -27.21 2.85 -22.02
C PRO B 43 -26.95 4.23 -22.61
N ASP B 44 -28.01 4.84 -23.13
CA ASP B 44 -27.87 6.05 -23.92
C ASP B 44 -27.44 7.24 -23.07
N HIS B 45 -27.73 7.20 -21.77
CA HIS B 45 -27.34 8.33 -20.92
C HIS B 45 -25.87 8.22 -20.52
N GLU B 46 -25.35 7.01 -20.38
CA GLU B 46 -23.96 6.83 -19.98
C GLU B 46 -23.02 7.03 -21.17
N ALA B 47 -23.50 6.74 -22.38
CA ALA B 47 -22.66 6.83 -23.57
C ALA B 47 -22.23 8.26 -23.83
N VAL B 48 -20.96 8.44 -24.19
CA VAL B 48 -20.43 9.76 -24.55
C VAL B 48 -19.98 9.81 -26.00
N ALA B 49 -19.37 8.73 -26.50
CA ALA B 49 -18.90 8.71 -27.87
C ALA B 49 -20.08 8.64 -28.83
N ILE B 50 -20.34 9.75 -29.52
CA ILE B 50 -21.51 9.86 -30.39
C ILE B 50 -21.12 9.26 -31.74
N ASP B 51 -21.28 7.93 -31.83
CA ASP B 51 -20.90 7.16 -32.99
C ASP B 51 -21.46 5.76 -32.81
N LYS B 52 -21.93 5.17 -33.89
CA LYS B 52 -22.57 3.87 -33.80
C LYS B 52 -21.53 2.81 -33.46
N PRO B 53 -21.66 2.14 -32.32
CA PRO B 53 -20.68 1.09 -31.97
C PRO B 53 -20.97 -0.20 -32.69
N THR B 54 -19.92 -0.98 -32.92
CA THR B 54 -20.12 -2.34 -33.37
C THR B 54 -20.34 -3.24 -32.16
N GLN B 55 -21.27 -4.18 -32.29
CA GLN B 55 -21.58 -5.14 -31.23
C GLN B 55 -21.51 -6.53 -31.85
N PRO B 56 -20.30 -7.05 -32.06
CA PRO B 56 -20.16 -8.39 -32.63
C PRO B 56 -20.39 -9.44 -31.55
N GLU B 57 -21.51 -10.13 -31.65
CA GLU B 57 -21.92 -11.11 -30.65
C GLU B 57 -21.85 -12.50 -31.27
N THR B 58 -21.35 -13.46 -30.48
CA THR B 58 -21.14 -14.85 -30.88
C THR B 58 -19.95 -14.97 -31.84
N ALA B 59 -19.41 -13.84 -32.29
CA ALA B 59 -18.09 -13.83 -32.90
C ALA B 59 -17.03 -13.58 -31.84
N THR B 60 -17.17 -12.48 -31.12
CA THR B 60 -16.65 -12.35 -29.77
C THR B 60 -17.67 -12.95 -28.81
N ASP B 61 -17.38 -12.86 -27.52
CA ASP B 61 -18.23 -13.45 -26.48
C ASP B 61 -18.40 -14.95 -26.70
N ARG B 62 -17.28 -15.66 -26.76
CA ARG B 62 -17.32 -17.08 -27.07
C ARG B 62 -16.31 -17.96 -26.33
N PHE B 63 -15.92 -17.63 -25.10
CA PHE B 63 -15.12 -18.53 -24.29
C PHE B 63 -13.79 -18.93 -24.92
N TYR B 64 -12.88 -17.98 -25.07
CA TYR B 64 -11.51 -18.26 -25.48
C TYR B 64 -10.76 -18.87 -24.32
N THR B 65 -9.87 -19.82 -24.62
CA THR B 65 -9.16 -20.59 -23.62
C THR B 65 -7.68 -20.27 -23.68
N LEU B 66 -7.12 -19.77 -22.58
CA LEU B 66 -5.70 -19.51 -22.47
C LEU B 66 -4.92 -20.81 -22.33
N LYS B 67 -3.60 -20.72 -22.43
CA LYS B 67 -2.76 -21.91 -22.32
C LYS B 67 -2.60 -22.33 -20.86
N SER B 68 -2.77 -23.62 -20.61
CA SER B 68 -2.72 -24.15 -19.26
C SER B 68 -1.35 -23.94 -18.62
N VAL B 69 -1.32 -23.95 -17.29
CA VAL B 69 -0.10 -23.83 -16.51
C VAL B 69 -0.02 -25.02 -15.57
N LYS B 70 1.19 -25.52 -15.34
CA LYS B 70 1.37 -26.68 -14.49
C LYS B 70 1.43 -26.27 -13.03
N TRP B 71 0.59 -26.90 -12.21
CA TRP B 71 0.60 -26.68 -10.77
C TRP B 71 1.63 -27.61 -10.14
N GLU B 72 2.56 -27.02 -9.38
CA GLU B 72 3.66 -27.75 -8.78
C GLU B 72 3.83 -27.28 -7.34
N THR B 73 4.95 -27.68 -6.74
CA THR B 73 5.24 -27.27 -5.37
C THR B 73 5.97 -25.94 -5.34
N GLY B 74 6.87 -25.71 -6.30
CA GLY B 74 7.56 -24.44 -6.37
C GLY B 74 6.76 -23.32 -7.02
N SER B 75 5.47 -23.55 -7.28
CA SER B 75 4.65 -22.54 -7.91
C SER B 75 4.10 -21.57 -6.87
N THR B 76 4.19 -20.27 -7.16
CA THR B 76 3.70 -19.23 -6.28
C THR B 76 2.32 -18.73 -6.71
N GLY B 77 2.13 -18.53 -8.00
CA GLY B 77 0.86 -18.03 -8.51
C GLY B 77 1.02 -17.55 -9.93
N TRP B 78 -0.12 -17.32 -10.57
CA TRP B 78 -0.17 -16.88 -11.95
C TRP B 78 -1.21 -15.78 -12.09
N TRP B 79 -0.99 -14.87 -13.02
CA TRP B 79 -1.94 -13.81 -13.28
C TRP B 79 -2.02 -13.53 -14.78
N TRP B 80 -3.20 -13.10 -15.20
CA TRP B 80 -3.44 -12.63 -16.56
C TRP B 80 -4.21 -11.32 -16.46
N LYS B 81 -3.76 -10.31 -17.19
CA LYS B 81 -4.48 -9.05 -17.25
C LYS B 81 -5.45 -9.07 -18.42
N LEU B 82 -6.63 -8.52 -18.20
CA LEU B 82 -7.68 -8.47 -19.20
C LEU B 82 -7.93 -7.01 -19.59
N PRO B 83 -8.10 -6.71 -20.88
CA PRO B 83 -8.13 -7.65 -22.02
C PRO B 83 -6.75 -7.93 -22.61
N ASP B 84 -5.69 -7.58 -21.89
CA ASP B 84 -4.34 -7.81 -22.39
C ASP B 84 -4.12 -9.27 -22.77
N ALA B 85 -4.73 -10.20 -22.05
CA ALA B 85 -4.52 -11.62 -22.32
C ALA B 85 -5.12 -12.01 -23.67
N LEU B 86 -6.29 -11.48 -24.00
CA LEU B 86 -7.01 -11.85 -25.21
C LEU B 86 -7.10 -10.69 -26.20
N ASN B 87 -6.03 -9.91 -26.29
CA ASN B 87 -5.93 -8.84 -27.28
C ASN B 87 -5.39 -9.31 -28.61
N ASN B 88 -5.12 -10.61 -28.78
CA ASN B 88 -4.50 -11.12 -29.99
C ASN B 88 -5.09 -12.46 -30.42
N ILE B 89 -6.24 -12.85 -29.88
CA ILE B 89 -6.83 -14.16 -30.17
C ILE B 89 -8.28 -13.98 -30.60
N GLY B 90 -8.67 -14.70 -31.65
CA GLY B 90 -10.05 -14.72 -32.10
C GLY B 90 -10.44 -13.49 -32.89
N MET B 91 -11.75 -13.29 -33.00
CA MET B 91 -12.30 -12.05 -33.54
C MET B 91 -12.30 -10.93 -32.50
N PHE B 92 -12.22 -11.28 -31.22
CA PHE B 92 -12.06 -10.25 -30.20
C PHE B 92 -10.77 -9.48 -30.41
N GLY B 93 -9.66 -10.18 -30.64
CA GLY B 93 -8.40 -9.50 -30.89
C GLY B 93 -8.44 -8.65 -32.15
N GLN B 94 -9.13 -9.12 -33.18
CA GLN B 94 -9.21 -8.35 -34.42
C GLN B 94 -10.02 -7.07 -34.21
N ASN B 95 -11.14 -7.17 -33.51
CA ASN B 95 -11.92 -5.97 -33.22
C ASN B 95 -11.17 -5.02 -32.31
N VAL B 96 -10.39 -5.55 -31.37
CA VAL B 96 -9.59 -4.71 -30.48
C VAL B 96 -8.56 -3.94 -31.27
N GLN B 97 -7.88 -4.62 -32.20
CA GLN B 97 -6.90 -3.94 -33.03
C GLN B 97 -7.56 -2.87 -33.91
N HIS B 98 -8.63 -3.23 -34.61
CA HIS B 98 -9.19 -2.32 -35.61
C HIS B 98 -9.96 -1.17 -34.98
N HIS B 99 -10.24 -1.22 -33.69
CA HIS B 99 -11.06 -0.20 -33.04
C HIS B 99 -10.26 0.52 -31.96
N TYR B 100 -10.74 1.71 -31.58
CA TYR B 100 -9.99 2.55 -30.65
C TYR B 100 -10.49 2.35 -29.23
N LEU B 101 -11.77 2.08 -29.04
CA LEU B 101 -12.37 1.92 -27.72
C LEU B 101 -13.11 0.60 -27.64
N TYR B 102 -13.31 0.12 -26.41
CA TYR B 102 -14.08 -1.09 -26.20
C TYR B 102 -14.79 -1.00 -24.86
N ARG B 103 -15.67 -1.97 -24.60
CA ARG B 103 -16.33 -2.14 -23.32
C ARG B 103 -16.90 -3.55 -23.26
N SER B 104 -16.41 -4.37 -22.34
CA SER B 104 -16.71 -5.79 -22.34
C SER B 104 -17.00 -6.30 -20.94
N GLY B 105 -17.43 -7.56 -20.85
CA GLY B 105 -17.87 -8.17 -19.62
C GLY B 105 -16.92 -9.16 -18.96
N PHE B 106 -16.30 -10.03 -19.74
CA PHE B 106 -15.29 -10.97 -19.23
C PHE B 106 -15.79 -11.96 -18.19
N LEU B 107 -16.64 -12.90 -18.56
CA LEU B 107 -16.95 -14.06 -17.73
C LEU B 107 -15.73 -14.98 -17.71
N ILE B 108 -15.35 -15.44 -16.53
CA ILE B 108 -14.13 -16.21 -16.31
C ILE B 108 -14.51 -17.60 -15.82
N HIS B 109 -13.77 -18.60 -16.28
CA HIS B 109 -13.91 -19.98 -15.80
C HIS B 109 -12.52 -20.60 -15.65
N VAL B 110 -12.18 -21.00 -14.43
CA VAL B 110 -10.89 -21.63 -14.14
C VAL B 110 -11.14 -23.10 -13.87
N GLN B 111 -10.52 -23.96 -14.67
CA GLN B 111 -10.61 -25.41 -14.49
C GLN B 111 -9.35 -25.94 -13.85
N CYS B 112 -9.49 -26.81 -12.86
CA CYS B 112 -8.36 -27.52 -12.28
C CYS B 112 -8.86 -28.82 -11.69
N ASN B 113 -8.29 -29.93 -12.14
CA ASN B 113 -8.75 -31.26 -11.75
C ASN B 113 -7.62 -32.01 -11.05
N ALA B 114 -8.00 -32.84 -10.07
CA ALA B 114 -7.08 -33.73 -9.39
C ALA B 114 -7.88 -34.77 -8.63
N THR B 115 -7.26 -35.94 -8.41
CA THR B 115 -7.97 -37.09 -7.89
C THR B 115 -8.41 -36.84 -6.44
N LYS B 116 -9.11 -37.83 -5.88
CA LYS B 116 -9.61 -37.75 -4.52
C LYS B 116 -8.53 -37.98 -3.48
N PHE B 117 -7.29 -38.23 -3.90
CA PHE B 117 -6.16 -38.36 -3.00
C PHE B 117 -5.27 -37.15 -3.03
N HIS B 118 -5.65 -36.12 -3.77
CA HIS B 118 -4.92 -34.87 -3.87
C HIS B 118 -5.54 -33.85 -2.93
N GLN B 119 -4.72 -32.96 -2.39
CA GLN B 119 -5.19 -31.84 -1.60
C GLN B 119 -4.57 -30.57 -2.15
N GLY B 120 -5.34 -29.49 -2.11
CA GLY B 120 -4.87 -28.21 -2.60
C GLY B 120 -5.97 -27.19 -2.52
N ALA B 121 -5.59 -25.93 -2.69
CA ALA B 121 -6.54 -24.84 -2.70
C ALA B 121 -5.95 -23.70 -3.52
N LEU B 122 -6.74 -23.17 -4.44
CA LEU B 122 -6.36 -22.03 -5.24
C LEU B 122 -7.33 -20.90 -4.94
N LEU B 123 -6.80 -19.72 -4.66
CA LEU B 123 -7.62 -18.52 -4.53
C LEU B 123 -7.70 -17.87 -5.91
N VAL B 124 -8.86 -18.00 -6.54
CA VAL B 124 -9.08 -17.45 -7.87
C VAL B 124 -9.77 -16.10 -7.69
N VAL B 125 -8.97 -15.03 -7.70
CA VAL B 125 -9.45 -13.70 -7.38
C VAL B 125 -9.26 -12.80 -8.60
N ALA B 126 -10.17 -11.84 -8.76
CA ALA B 126 -10.10 -10.85 -9.82
C ALA B 126 -9.95 -9.48 -9.21
N ILE B 127 -8.77 -8.88 -9.37
CA ILE B 127 -8.44 -7.58 -8.78
C ILE B 127 -8.71 -6.51 -9.83
N PRO B 128 -9.50 -5.48 -9.53
CA PRO B 128 -9.66 -4.38 -10.48
C PRO B 128 -8.55 -3.36 -10.32
N GLU B 129 -7.98 -2.95 -11.45
CA GLU B 129 -6.91 -1.95 -11.48
C GLU B 129 -5.74 -2.39 -10.60
N HIS B 130 -5.30 -3.63 -10.79
CA HIS B 130 -4.21 -4.18 -9.99
C HIS B 130 -2.88 -3.58 -10.45
N GLN B 131 -2.67 -2.33 -10.05
CA GLN B 131 -1.37 -1.70 -10.27
C GLN B 131 -0.34 -2.35 -9.36
N ARG B 132 0.53 -3.15 -9.95
CA ARG B 132 1.53 -3.89 -9.20
C ARG B 132 2.85 -3.15 -9.19
N GLY B 133 3.63 -3.36 -8.14
CA GLY B 133 4.90 -2.70 -8.00
C GLY B 133 6.09 -3.65 -7.99
N ALA B 134 7.26 -3.14 -8.35
CA ALA B 134 8.47 -3.94 -8.34
C ALA B 134 8.99 -4.13 -6.92
N HIS B 135 9.75 -5.20 -6.73
CA HIS B 135 10.27 -5.57 -5.42
C HIS B 135 11.69 -5.06 -5.25
N ASN B 136 11.94 -4.41 -4.11
CA ASN B 136 13.30 -4.04 -3.69
C ASN B 136 13.97 -3.10 -4.67
N THR B 137 13.22 -2.17 -5.25
CA THR B 137 13.79 -1.14 -6.10
C THR B 137 12.86 0.07 -6.10
N ASN B 138 13.45 1.24 -6.34
CA ASN B 138 12.70 2.49 -6.36
C ASN B 138 12.24 2.87 -7.76
N THR B 139 12.56 2.07 -8.77
CA THR B 139 12.14 2.34 -10.14
C THR B 139 10.81 1.67 -10.42
N SER B 140 10.02 2.29 -11.29
CA SER B 140 8.70 1.79 -11.61
C SER B 140 8.80 0.63 -12.59
N PRO B 141 7.82 -0.27 -12.59
CA PRO B 141 7.81 -1.36 -13.57
C PRO B 141 7.78 -0.84 -14.99
N GLY B 142 8.23 -1.66 -15.93
CA GLY B 142 8.29 -1.29 -17.32
C GLY B 142 7.13 -1.84 -18.12
N PHE B 143 7.26 -1.71 -19.44
CA PHE B 143 6.20 -2.18 -20.32
C PHE B 143 6.24 -3.69 -20.49
N ASP B 144 7.42 -4.25 -20.77
CA ASP B 144 7.52 -5.70 -20.95
C ASP B 144 7.41 -6.43 -19.63
N ASP B 145 7.42 -5.69 -18.52
CA ASP B 145 7.21 -6.30 -17.21
C ASP B 145 5.72 -6.45 -16.91
N ILE B 146 4.93 -5.44 -17.29
CA ILE B 146 3.51 -5.46 -16.99
C ILE B 146 2.73 -6.17 -18.09
N MET B 147 3.08 -5.90 -19.34
CA MET B 147 2.36 -6.43 -20.50
C MET B 147 2.97 -7.77 -20.88
N LYS B 148 2.33 -8.85 -20.44
CA LYS B 148 2.79 -10.21 -20.72
C LYS B 148 1.93 -10.92 -21.75
N GLY B 149 0.77 -10.36 -22.10
CA GLY B 149 -0.03 -10.94 -23.17
C GLY B 149 -0.79 -12.16 -22.72
N GLU B 150 -0.84 -13.16 -23.60
CA GLU B 150 -1.67 -14.33 -23.36
C GLU B 150 -0.95 -15.35 -22.49
N GLU B 151 0.38 -15.28 -22.41
CA GLU B 151 1.11 -16.19 -21.54
C GLU B 151 0.97 -15.79 -20.08
N GLY B 152 0.54 -14.57 -19.82
CA GLY B 152 0.41 -14.08 -18.47
C GLY B 152 1.75 -13.98 -17.77
N GLY B 153 1.67 -13.75 -16.46
CA GLY B 153 2.86 -13.69 -15.64
C GLY B 153 2.75 -14.68 -14.50
N THR B 154 3.64 -14.51 -13.52
CA THR B 154 3.65 -15.35 -12.32
C THR B 154 4.04 -14.48 -11.14
N PHE B 155 3.39 -14.72 -10.00
CA PHE B 155 3.74 -14.03 -8.78
C PHE B 155 5.09 -14.52 -8.27
N ASN B 156 5.92 -13.60 -7.80
CA ASN B 156 7.12 -13.95 -7.06
C ASN B 156 7.00 -13.65 -5.59
N HIS B 157 6.08 -12.76 -5.20
CA HIS B 157 5.72 -12.53 -3.80
C HIS B 157 4.20 -12.51 -3.70
N PRO B 158 3.55 -13.66 -3.85
CA PRO B 158 2.08 -13.67 -3.79
C PRO B 158 1.54 -13.39 -2.40
N TYR B 159 2.38 -13.49 -1.37
CA TYR B 159 1.98 -13.14 -0.02
C TYR B 159 1.44 -11.72 0.04
N VAL B 160 2.11 -10.79 -0.64
CA VAL B 160 1.68 -9.39 -0.66
C VAL B 160 1.02 -9.02 -1.99
N LEU B 161 0.55 -10.00 -2.77
CA LEU B 161 -0.09 -9.79 -4.06
C LEU B 161 0.77 -8.98 -5.02
N ASP B 162 2.07 -8.86 -4.75
CA ASP B 162 3.01 -8.08 -5.55
C ASP B 162 2.59 -6.61 -5.69
N ASP B 163 1.95 -6.05 -4.67
CA ASP B 163 1.73 -4.62 -4.60
C ASP B 163 1.90 -4.04 -3.20
N GLY B 164 2.39 -4.84 -2.24
CA GLY B 164 2.52 -4.40 -0.88
C GLY B 164 1.30 -4.60 -0.02
N THR B 165 0.13 -4.80 -0.62
CA THR B 165 -1.10 -5.04 0.11
C THR B 165 -1.29 -6.53 0.38
N SER B 166 -2.01 -6.84 1.45
CA SER B 166 -2.08 -8.22 1.93
C SER B 166 -2.86 -9.11 0.97
N LEU B 167 -2.46 -10.38 0.93
CA LEU B 167 -3.24 -11.44 0.30
C LEU B 167 -4.38 -11.93 1.18
N ALA B 168 -4.23 -11.85 2.49
CA ALA B 168 -5.30 -12.28 3.39
C ALA B 168 -6.59 -11.51 3.12
N CYS B 169 -6.48 -10.24 2.76
CA CYS B 169 -7.63 -9.40 2.50
C CYS B 169 -8.08 -9.44 1.05
N ALA B 170 -7.52 -10.36 0.25
CA ALA B 170 -7.90 -10.45 -1.15
C ALA B 170 -9.29 -11.01 -1.36
N THR B 171 -9.97 -11.43 -0.29
CA THR B 171 -11.36 -11.87 -0.41
C THR B 171 -12.35 -10.72 -0.40
N ILE B 172 -11.86 -9.47 -0.40
CA ILE B 172 -12.75 -8.33 -0.60
C ILE B 172 -13.04 -8.17 -2.08
N PHE B 173 -12.20 -8.75 -2.94
CA PHE B 173 -12.39 -8.73 -4.37
C PHE B 173 -13.31 -9.86 -4.81
N PRO B 174 -13.87 -9.77 -6.01
CA PRO B 174 -14.65 -10.89 -6.53
C PRO B 174 -13.77 -12.12 -6.71
N HIS B 175 -14.04 -13.15 -5.92
CA HIS B 175 -13.16 -14.30 -5.82
C HIS B 175 -13.96 -15.57 -5.72
N GLN B 176 -13.27 -16.69 -5.92
CA GLN B 176 -13.77 -18.02 -5.65
C GLN B 176 -12.59 -18.89 -5.26
N TRP B 177 -12.87 -20.03 -4.64
CA TRP B 177 -11.85 -20.99 -4.27
C TRP B 177 -12.02 -22.25 -5.10
N ILE B 178 -10.91 -22.94 -5.34
CA ILE B 178 -10.94 -24.29 -5.89
C ILE B 178 -10.30 -25.19 -4.84
N ASN B 179 -11.14 -25.75 -3.98
CA ASN B 179 -10.72 -26.75 -3.01
C ASN B 179 -10.91 -28.11 -3.66
N LEU B 180 -9.81 -28.85 -3.82
CA LEU B 180 -9.84 -30.06 -4.64
C LEU B 180 -10.82 -31.08 -4.08
N ARG B 181 -11.09 -31.03 -2.78
CA ARG B 181 -11.98 -32.03 -2.18
C ARG B 181 -13.45 -31.69 -2.43
N THR B 182 -13.74 -30.46 -2.84
CA THR B 182 -15.12 -30.02 -2.97
C THR B 182 -15.51 -29.63 -4.39
N ASN B 183 -14.67 -28.84 -5.06
CA ASN B 183 -14.96 -28.42 -6.43
C ASN B 183 -13.69 -28.47 -7.26
N ASN B 184 -13.87 -28.42 -8.57
CA ASN B 184 -12.75 -28.37 -9.49
C ASN B 184 -12.85 -27.24 -10.50
N SER B 185 -13.73 -26.26 -10.27
CA SER B 185 -13.90 -25.15 -11.19
C SER B 185 -14.35 -23.92 -10.43
N ALA B 186 -13.95 -22.75 -10.95
CA ALA B 186 -14.36 -21.46 -10.43
C ALA B 186 -14.83 -20.61 -11.58
N THR B 187 -16.00 -19.98 -11.42
CA THR B 187 -16.61 -19.17 -12.46
C THR B 187 -16.96 -17.80 -11.87
N ILE B 188 -16.41 -16.74 -12.47
CA ILE B 188 -16.60 -15.38 -11.98
C ILE B 188 -17.08 -14.51 -13.13
N VAL B 189 -18.20 -13.82 -12.92
CA VAL B 189 -18.76 -12.90 -13.90
C VAL B 189 -18.40 -11.48 -13.50
N LEU B 190 -17.84 -10.72 -14.45
CA LEU B 190 -17.35 -9.38 -14.17
C LEU B 190 -18.17 -8.33 -14.91
N PRO B 191 -18.39 -7.17 -14.31
CA PRO B 191 -18.99 -6.05 -15.05
C PRO B 191 -17.92 -5.26 -15.78
N TRP B 192 -18.30 -4.13 -16.38
CA TRP B 192 -17.32 -3.28 -17.03
C TRP B 192 -16.26 -2.80 -16.05
N MET B 193 -16.68 -2.16 -14.96
CA MET B 193 -15.79 -1.75 -13.88
C MET B 193 -14.67 -0.84 -14.37
N ASN B 194 -15.08 0.36 -14.77
CA ASN B 194 -14.12 1.41 -15.10
C ASN B 194 -14.78 2.76 -14.83
N ALA B 195 -13.96 3.75 -14.55
CA ALA B 195 -14.48 5.09 -14.26
C ALA B 195 -14.93 5.80 -15.54
N ALA B 196 -14.53 5.28 -16.71
CA ALA B 196 -14.83 5.75 -18.05
C ALA B 196 -15.84 4.81 -18.73
N PRO B 197 -16.68 5.34 -19.62
CA PRO B 197 -17.63 4.44 -20.32
C PRO B 197 -16.95 3.50 -21.30
N MET B 198 -15.85 3.94 -21.92
CA MET B 198 -15.06 3.14 -22.83
C MET B 198 -13.60 3.42 -22.58
N ASP B 199 -12.73 2.50 -22.96
CA ASP B 199 -11.31 2.69 -22.73
C ASP B 199 -10.49 2.10 -23.86
N PHE B 200 -9.32 2.69 -24.08
CA PHE B 200 -8.36 2.18 -25.06
C PHE B 200 -7.78 0.86 -24.57
N PRO B 201 -7.97 -0.25 -25.30
CA PRO B 201 -7.57 -1.56 -24.76
C PRO B 201 -6.08 -1.83 -24.76
N LEU B 202 -5.30 -1.13 -25.57
CA LEU B 202 -3.91 -1.54 -25.75
C LEU B 202 -3.00 -1.03 -24.64
N ARG B 203 -3.46 -0.06 -23.86
CA ARG B 203 -2.63 0.52 -22.80
C ARG B 203 -3.12 0.16 -21.40
N HIS B 204 -4.44 0.10 -21.19
CA HIS B 204 -5.02 -0.05 -19.86
C HIS B 204 -5.66 -1.43 -19.71
N ASN B 205 -5.56 -1.98 -18.49
CA ASN B 205 -6.16 -3.25 -18.13
C ASN B 205 -7.22 -3.01 -17.06
N GLN B 206 -8.44 -3.48 -17.30
CA GLN B 206 -9.50 -3.30 -16.31
C GLN B 206 -9.33 -4.28 -15.16
N TRP B 207 -9.12 -5.55 -15.46
CA TRP B 207 -9.11 -6.60 -14.45
C TRP B 207 -7.79 -7.34 -14.47
N THR B 208 -7.58 -8.13 -13.42
CA THR B 208 -6.42 -8.99 -13.28
C THR B 208 -6.86 -10.26 -12.58
N LEU B 209 -6.87 -11.38 -13.31
CA LEU B 209 -7.22 -12.67 -12.74
C LEU B 209 -5.97 -13.31 -12.17
N ALA B 210 -5.93 -13.41 -10.84
CA ALA B 210 -4.81 -14.01 -10.14
C ALA B 210 -5.24 -15.35 -9.57
N ILE B 211 -4.43 -16.38 -9.76
CA ILE B 211 -4.69 -17.71 -9.22
C ILE B 211 -3.51 -18.06 -8.33
N ILE B 212 -3.69 -17.91 -7.03
CA ILE B 212 -2.63 -18.11 -6.05
C ILE B 212 -2.90 -19.40 -5.31
N PRO B 213 -2.05 -20.42 -5.43
CA PRO B 213 -2.25 -21.63 -4.61
C PRO B 213 -1.92 -21.41 -3.15
N VAL B 214 -2.93 -21.28 -2.31
CA VAL B 214 -2.69 -21.04 -0.89
C VAL B 214 -2.18 -22.30 -0.22
N VAL B 215 -2.94 -23.38 -0.32
CA VAL B 215 -2.53 -24.70 0.16
C VAL B 215 -1.82 -25.41 -0.99
N PRO B 216 -0.54 -25.74 -0.86
CA PRO B 216 0.18 -26.31 -2.00
C PRO B 216 -0.37 -27.68 -2.37
N LEU B 217 -0.28 -27.99 -3.67
CA LEU B 217 -0.74 -29.28 -4.16
C LEU B 217 0.08 -30.40 -3.51
N GLY B 218 -0.59 -31.45 -3.08
CA GLY B 218 0.08 -32.52 -2.38
C GLY B 218 -0.65 -33.83 -2.53
N THR B 219 0.13 -34.92 -2.58
CA THR B 219 -0.37 -36.28 -2.59
C THR B 219 0.82 -37.21 -2.39
N ARG B 220 0.55 -38.37 -1.80
CA ARG B 220 1.54 -39.42 -1.70
C ARG B 220 1.38 -40.46 -2.80
N THR B 221 0.64 -40.13 -3.84
CA THR B 221 0.44 -41.00 -5.00
C THR B 221 1.60 -40.75 -5.96
N THR B 222 1.50 -41.24 -7.19
CA THR B 222 2.59 -41.12 -8.16
C THR B 222 2.88 -39.69 -8.57
N SER B 223 2.08 -38.71 -8.12
CA SER B 223 2.34 -37.30 -8.36
C SER B 223 2.36 -36.99 -9.86
N SER B 224 1.22 -37.17 -10.50
CA SER B 224 1.10 -36.87 -11.92
C SER B 224 0.90 -35.36 -12.13
N MET B 225 1.12 -34.93 -13.37
CA MET B 225 1.01 -33.52 -13.71
C MET B 225 -0.41 -33.01 -13.50
N VAL B 226 -0.52 -31.80 -12.95
CA VAL B 226 -1.82 -31.19 -12.69
C VAL B 226 -1.85 -29.80 -13.32
N PRO B 227 -2.46 -29.65 -14.49
CA PRO B 227 -2.55 -28.32 -15.11
C PRO B 227 -3.74 -27.52 -14.59
N ILE B 228 -3.65 -26.21 -14.80
CA ILE B 228 -4.72 -25.27 -14.49
C ILE B 228 -5.07 -24.53 -15.76
N THR B 229 -6.32 -24.64 -16.19
CA THR B 229 -6.78 -24.05 -17.43
C THR B 229 -7.78 -22.95 -17.14
N VAL B 230 -7.71 -21.87 -17.90
CA VAL B 230 -8.54 -20.70 -17.71
C VAL B 230 -9.24 -20.37 -19.03
N SER B 231 -10.55 -20.18 -18.99
CA SER B 231 -11.34 -19.82 -20.15
C SER B 231 -11.96 -18.45 -19.92
N ILE B 232 -11.57 -17.47 -20.73
CA ILE B 232 -12.10 -16.12 -20.66
C ILE B 232 -13.19 -15.98 -21.71
N ALA B 233 -14.25 -15.24 -21.37
CA ALA B 233 -15.36 -15.02 -22.29
C ALA B 233 -15.85 -13.59 -22.18
N PRO B 234 -15.56 -12.73 -23.15
CA PRO B 234 -16.16 -11.40 -23.15
C PRO B 234 -17.67 -11.50 -23.10
N MET B 235 -18.31 -10.50 -22.52
CA MET B 235 -19.76 -10.44 -22.47
C MET B 235 -20.22 -9.02 -22.79
N CYS B 236 -21.16 -8.91 -23.72
CA CYS B 236 -21.71 -7.63 -24.14
C CYS B 236 -20.61 -6.65 -24.52
N CYS B 237 -19.65 -7.14 -25.30
CA CYS B 237 -18.52 -6.34 -25.73
C CYS B 237 -18.92 -5.51 -26.95
N GLU B 238 -18.48 -4.27 -26.97
CA GLU B 238 -18.75 -3.36 -28.08
C GLU B 238 -17.55 -2.46 -28.30
N PHE B 239 -17.43 -1.96 -29.53
CA PHE B 239 -16.25 -1.22 -29.94
C PHE B 239 -16.66 0.06 -30.65
N ASN B 240 -15.81 1.06 -30.55
CA ASN B 240 -15.93 2.32 -31.27
C ASN B 240 -14.55 2.67 -31.81
N GLY B 241 -14.47 3.69 -32.67
CA GLY B 241 -13.22 3.93 -33.35
C GLY B 241 -13.28 3.55 -34.80
N LEU B 242 -12.79 2.34 -35.12
CA LEU B 242 -12.69 1.83 -36.48
C LEU B 242 -11.72 2.65 -37.32
N ARG B 243 -10.45 2.55 -36.98
CA ARG B 243 -9.34 2.99 -37.82
C ARG B 243 -8.54 1.75 -38.21
N HIS B 244 -7.36 1.91 -38.80
CA HIS B 244 -6.61 0.76 -39.28
C HIS B 244 -6.15 -0.12 -38.11
N ALA B 245 -5.51 -1.23 -38.44
CA ALA B 245 -5.25 -2.32 -37.50
C ALA B 245 -4.36 -1.94 -36.32
N ILE B 246 -3.11 -1.56 -36.59
CA ILE B 246 -2.05 -1.47 -35.58
C ILE B 246 -2.22 -2.48 -34.46
N GLY C 1 -25.51 47.91 10.84
CA GLY C 1 -24.74 46.71 11.10
C GLY C 1 -25.35 45.84 12.18
N VAL C 2 -24.86 44.62 12.29
CA VAL C 2 -25.31 43.65 13.29
C VAL C 2 -24.28 43.60 14.39
N PRO C 3 -24.66 43.76 15.66
CA PRO C 3 -23.67 43.67 16.75
C PRO C 3 -23.22 42.24 16.94
N THR C 4 -21.91 42.01 16.78
CA THR C 4 -21.37 40.67 16.72
C THR C 4 -20.40 40.45 17.87
N TYR C 5 -20.42 39.23 18.40
CA TYR C 5 -19.56 38.79 19.49
C TYR C 5 -18.63 37.71 18.98
N LEU C 6 -17.34 37.85 19.26
CA LEU C 6 -16.34 36.86 18.84
C LEU C 6 -16.15 35.86 19.96
N LEU C 7 -16.50 34.61 19.71
CA LEU C 7 -16.39 33.57 20.70
C LEU C 7 -14.97 33.02 20.76
N PRO C 8 -14.60 32.38 21.86
CA PRO C 8 -13.39 31.57 21.87
C PRO C 8 -13.49 30.44 20.86
N GLY C 9 -12.35 30.08 20.28
CA GLY C 9 -12.33 29.11 19.22
C GLY C 9 -12.70 29.67 17.86
N SER C 10 -12.50 30.96 17.66
CA SER C 10 -12.73 31.60 16.37
C SER C 10 -11.38 31.80 15.68
N GLY C 11 -11.33 31.53 14.39
CA GLY C 11 -10.09 31.53 13.65
C GLY C 11 -9.31 30.23 13.75
N GLN C 12 -9.60 29.40 14.75
CA GLN C 12 -8.92 28.12 14.88
C GLN C 12 -9.29 27.20 13.73
N PHE C 13 -8.33 26.40 13.28
CA PHE C 13 -8.54 25.44 12.20
C PHE C 13 -8.62 24.05 12.83
N LEU C 14 -9.85 23.58 13.04
CA LEU C 14 -10.09 22.23 13.54
C LEU C 14 -10.19 21.30 12.36
N THR C 15 -9.27 20.34 12.26
CA THR C 15 -9.20 19.51 11.06
C THR C 15 -10.42 18.61 10.88
N THR C 16 -11.29 18.54 11.87
CA THR C 16 -12.53 17.76 11.78
C THR C 16 -13.77 18.63 11.66
N ASP C 17 -13.62 19.89 11.26
CA ASP C 17 -14.77 20.78 11.14
C ASP C 17 -15.56 20.48 9.87
N ASP C 18 -16.82 20.90 9.88
CA ASP C 18 -17.74 20.68 8.75
C ASP C 18 -18.39 22.01 8.40
N HIS C 19 -17.72 22.79 7.56
CA HIS C 19 -18.25 24.06 7.09
C HIS C 19 -18.13 24.12 5.58
N SER C 20 -18.91 25.04 4.99
CA SER C 20 -18.78 25.32 3.58
C SER C 20 -17.59 26.24 3.33
N SER C 21 -16.91 26.03 2.20
CA SER C 21 -15.71 26.78 1.88
C SER C 21 -15.88 27.45 0.51
N ALA C 22 -14.94 28.33 0.19
CA ALA C 22 -15.07 29.17 -0.99
C ALA C 22 -14.87 28.36 -2.26
N PRO C 23 -15.77 28.45 -3.23
CA PRO C 23 -15.54 27.77 -4.52
C PRO C 23 -14.41 28.44 -5.28
N ALA C 24 -13.32 27.68 -5.50
CA ALA C 24 -12.19 28.21 -6.25
C ALA C 24 -12.51 28.30 -7.75
N LEU C 25 -13.22 27.30 -8.28
CA LEU C 25 -13.59 27.29 -9.68
C LEU C 25 -15.06 27.66 -9.81
N PRO C 26 -15.40 28.85 -10.28
CA PRO C 26 -16.81 29.24 -10.32
C PRO C 26 -17.53 28.67 -11.53
N CYS C 27 -18.82 28.36 -11.34
CA CYS C 27 -19.67 27.83 -12.40
C CYS C 27 -19.05 26.61 -13.06
N PHE C 28 -18.45 25.75 -12.24
CA PHE C 28 -17.87 24.51 -12.71
C PHE C 28 -18.95 23.43 -12.75
N ASN C 29 -18.95 22.67 -13.84
CA ASN C 29 -19.89 21.56 -13.99
C ASN C 29 -19.14 20.25 -13.87
N PRO C 30 -19.33 19.49 -12.80
CA PRO C 30 -18.61 18.23 -12.65
C PRO C 30 -19.11 17.17 -13.63
N THR C 31 -18.23 16.24 -13.95
CA THR C 31 -18.53 15.18 -14.89
C THR C 31 -19.79 14.44 -14.46
N PRO C 32 -20.67 14.11 -15.40
CA PRO C 32 -21.86 13.31 -15.06
C PRO C 32 -21.46 12.00 -14.40
N GLU C 33 -22.09 11.73 -13.25
CA GLU C 33 -21.80 10.53 -12.48
C GLU C 33 -22.43 9.33 -13.17
N MET C 34 -21.59 8.41 -13.64
CA MET C 34 -22.07 7.14 -14.17
C MET C 34 -22.25 6.14 -13.04
N HIS C 35 -22.75 4.96 -13.39
CA HIS C 35 -22.94 3.88 -12.43
C HIS C 35 -21.72 2.96 -12.48
N ILE C 36 -20.97 2.92 -11.40
CA ILE C 36 -19.82 2.02 -11.24
C ILE C 36 -20.20 0.96 -10.23
N PRO C 37 -19.92 -0.31 -10.48
CA PRO C 37 -20.28 -1.35 -9.50
C PRO C 37 -19.37 -1.34 -8.28
N GLY C 38 -19.96 -1.68 -7.15
CA GLY C 38 -19.21 -1.84 -5.93
C GLY C 38 -19.12 -0.63 -5.04
N GLN C 39 -20.18 0.17 -4.95
CA GLN C 39 -20.12 1.39 -4.15
C GLN C 39 -20.19 1.07 -2.67
N VAL C 40 -19.35 1.73 -1.90
CA VAL C 40 -19.29 1.58 -0.45
C VAL C 40 -19.79 2.87 0.18
N ARG C 41 -20.86 2.75 0.97
CA ARG C 41 -21.37 3.88 1.74
C ARG C 41 -21.02 3.82 3.21
N ASN C 42 -20.78 2.61 3.74
CA ASN C 42 -20.42 2.41 5.13
C ASN C 42 -19.21 1.49 5.19
N MET C 43 -18.27 1.81 6.08
CA MET C 43 -17.09 0.96 6.22
C MET C 43 -17.43 -0.34 6.95
N LEU C 44 -18.61 -0.43 7.57
CA LEU C 44 -19.06 -1.67 8.18
C LEU C 44 -19.66 -2.63 7.19
N GLU C 45 -19.56 -2.35 5.88
CA GLU C 45 -19.95 -3.32 4.87
C GLU C 45 -18.79 -4.26 4.56
N VAL C 46 -17.56 -3.77 4.67
CA VAL C 46 -16.39 -4.53 4.27
C VAL C 46 -15.70 -5.20 5.44
N VAL C 47 -16.19 -4.99 6.67
CA VAL C 47 -15.76 -5.80 7.80
C VAL C 47 -16.53 -7.09 7.89
N GLN C 48 -17.66 -7.20 7.19
CA GLN C 48 -18.48 -8.39 7.17
C GLN C 48 -18.07 -9.37 6.08
N VAL C 49 -16.85 -9.26 5.58
CA VAL C 49 -16.33 -10.15 4.54
C VAL C 49 -15.20 -10.96 5.15
N GLU C 50 -15.26 -12.27 4.98
CA GLU C 50 -14.25 -13.16 5.57
C GLU C 50 -12.88 -12.85 4.99
N SER C 51 -11.85 -13.10 5.78
CA SER C 51 -10.48 -12.87 5.33
C SER C 51 -9.54 -13.76 6.14
N MET C 52 -8.59 -14.39 5.44
CA MET C 52 -7.67 -15.32 6.08
C MET C 52 -6.93 -14.64 7.22
N MET C 53 -6.66 -15.43 8.26
CA MET C 53 -5.85 -14.99 9.38
C MET C 53 -4.59 -15.82 9.47
N GLU C 54 -3.53 -15.23 10.05
CA GLU C 54 -2.24 -15.91 10.19
C GLU C 54 -2.15 -16.54 11.59
N ILE C 55 -2.85 -17.66 11.73
CA ILE C 55 -2.74 -18.42 12.98
C ILE C 55 -1.34 -19.01 13.11
N ASN C 56 -0.71 -19.30 11.98
CA ASN C 56 0.66 -19.84 11.97
C ASN C 56 1.68 -18.72 11.85
N ASN C 57 1.60 -17.73 12.74
CA ASN C 57 2.54 -16.61 12.74
C ASN C 57 3.75 -16.96 13.59
N THR C 58 4.54 -17.90 13.07
CA THR C 58 5.76 -18.34 13.73
C THR C 58 6.95 -18.05 12.83
N GLU C 59 8.15 -18.33 13.36
CA GLU C 59 9.37 -18.06 12.61
C GLU C 59 9.55 -19.05 11.47
N SER C 60 9.25 -20.32 11.70
CA SER C 60 9.50 -21.35 10.68
C SER C 60 8.63 -21.14 9.46
N ALA C 61 7.47 -20.51 9.63
CA ALA C 61 6.56 -20.27 8.52
C ALA C 61 6.87 -18.96 7.83
N VAL C 62 7.01 -19.00 6.51
CA VAL C 62 7.41 -17.86 5.71
C VAL C 62 6.41 -17.66 4.58
N GLY C 63 5.89 -16.44 4.47
CA GLY C 63 5.04 -16.11 3.34
C GLY C 63 3.66 -16.72 3.48
N MET C 64 3.24 -17.46 2.46
CA MET C 64 1.93 -18.09 2.48
C MET C 64 1.88 -19.30 3.40
N GLU C 65 3.03 -19.76 3.90
CA GLU C 65 3.02 -20.83 4.89
C GLU C 65 2.44 -20.36 6.22
N ARG C 66 2.33 -19.04 6.40
CA ARG C 66 1.78 -18.48 7.62
C ARG C 66 0.26 -18.40 7.61
N LEU C 67 -0.38 -18.74 6.50
CA LEU C 67 -1.81 -18.57 6.35
C LEU C 67 -2.60 -19.86 6.51
N LYS C 68 -1.93 -20.96 6.87
CA LYS C 68 -2.59 -22.25 7.04
C LYS C 68 -1.99 -22.97 8.23
N VAL C 69 -2.81 -23.80 8.86
CA VAL C 69 -2.41 -24.55 10.06
C VAL C 69 -2.36 -26.03 9.67
N ASP C 70 -1.15 -26.55 9.47
CA ASP C 70 -0.99 -27.95 9.14
C ASP C 70 -1.32 -28.82 10.36
N ILE C 71 -2.36 -29.65 10.22
CA ILE C 71 -2.72 -30.61 11.25
C ILE C 71 -2.33 -32.00 10.74
N SER C 72 -2.02 -32.89 11.68
CA SER C 72 -1.52 -34.21 11.35
C SER C 72 -2.23 -35.27 12.19
N ALA C 73 -2.09 -36.52 11.78
CA ALA C 73 -2.63 -37.63 12.54
C ALA C 73 -1.83 -37.81 13.82
N LEU C 74 -2.54 -37.86 14.95
CA LEU C 74 -1.92 -37.92 16.26
C LEU C 74 -2.15 -39.29 16.89
N THR C 75 -1.27 -39.63 17.83
CA THR C 75 -1.34 -40.91 18.53
C THR C 75 -1.82 -40.76 19.98
N ASP C 76 -2.10 -39.54 20.43
CA ASP C 76 -2.61 -39.28 21.76
C ASP C 76 -3.97 -38.62 21.63
N VAL C 77 -4.92 -39.03 22.47
CA VAL C 77 -6.27 -38.52 22.37
C VAL C 77 -6.36 -37.14 23.05
N ASP C 78 -7.34 -36.36 22.61
CA ASP C 78 -7.66 -35.06 23.21
C ASP C 78 -6.47 -34.10 23.14
N GLN C 79 -6.07 -33.78 21.92
CA GLN C 79 -4.82 -33.06 21.68
C GLN C 79 -5.11 -31.68 21.10
N LEU C 80 -4.44 -30.67 21.66
CA LEU C 80 -4.60 -29.31 21.19
C LEU C 80 -3.88 -29.11 19.86
N LEU C 81 -4.57 -28.48 18.91
CA LEU C 81 -3.98 -28.20 17.61
C LEU C 81 -3.36 -26.81 17.55
N PHE C 82 -4.13 -25.79 17.88
CA PHE C 82 -3.64 -24.41 17.88
C PHE C 82 -4.53 -23.59 18.79
N ASN C 83 -4.11 -22.34 19.00
CA ASN C 83 -4.95 -21.35 19.67
C ASN C 83 -4.77 -20.02 18.97
N ILE C 84 -5.79 -19.17 19.09
CA ILE C 84 -5.82 -17.86 18.44
C ILE C 84 -6.11 -16.82 19.51
N PRO C 85 -5.15 -15.95 19.85
CA PRO C 85 -5.48 -14.79 20.68
C PRO C 85 -6.42 -13.86 19.94
N LEU C 86 -7.54 -13.54 20.57
CA LEU C 86 -8.63 -12.81 19.94
C LEU C 86 -8.40 -11.31 19.93
N ASP C 87 -7.16 -10.87 20.04
CA ASP C 87 -6.85 -9.45 20.01
C ASP C 87 -7.13 -8.85 18.64
N ILE C 88 -8.23 -8.11 18.54
CA ILE C 88 -8.69 -7.61 17.25
C ILE C 88 -8.02 -6.28 16.91
N GLN C 89 -7.50 -5.60 17.94
CA GLN C 89 -6.92 -4.28 17.76
C GLN C 89 -5.47 -4.18 18.22
N LEU C 90 -4.79 -5.31 18.38
CA LEU C 90 -3.37 -5.30 18.64
C LEU C 90 -2.72 -6.44 17.86
N ASP C 91 -1.38 -6.41 17.79
CA ASP C 91 -0.65 -7.29 16.89
C ASP C 91 -0.92 -8.76 17.22
N GLY C 92 -1.34 -9.51 16.20
CA GLY C 92 -1.66 -10.91 16.35
C GLY C 92 -2.28 -11.45 15.08
N PRO C 93 -2.72 -12.72 15.12
CA PRO C 93 -3.29 -13.34 13.91
C PRO C 93 -4.46 -12.57 13.32
N LEU C 94 -5.14 -11.74 14.10
CA LEU C 94 -6.28 -10.96 13.62
C LEU C 94 -5.91 -9.54 13.22
N ARG C 95 -4.62 -9.20 13.19
CA ARG C 95 -4.22 -7.83 12.93
C ARG C 95 -4.35 -7.48 11.45
N ASN C 96 -3.98 -8.38 10.57
CA ASN C 96 -3.90 -8.10 9.14
C ASN C 96 -5.15 -8.52 8.39
N THR C 97 -6.29 -8.61 9.07
CA THR C 97 -7.51 -8.99 8.40
C THR C 97 -8.21 -7.77 7.83
N LEU C 98 -9.44 -7.95 7.35
CA LEU C 98 -10.24 -6.79 6.96
C LEU C 98 -10.90 -6.17 8.17
N VAL C 99 -11.53 -6.98 9.01
CA VAL C 99 -12.11 -6.47 10.24
C VAL C 99 -11.02 -5.90 11.13
N GLY C 100 -9.86 -6.53 11.18
CA GLY C 100 -8.78 -6.04 12.03
C GLY C 100 -8.19 -4.75 11.51
N ASN C 101 -7.95 -4.66 10.20
CA ASN C 101 -7.37 -3.44 9.64
C ASN C 101 -8.33 -2.27 9.75
N ILE C 102 -9.62 -2.49 9.46
CA ILE C 102 -10.60 -1.42 9.59
C ILE C 102 -10.78 -1.04 11.05
N SER C 103 -10.64 -2.01 11.96
CA SER C 103 -10.84 -1.74 13.38
C SER C 103 -9.67 -1.00 14.00
N ARG C 104 -8.46 -1.18 13.50
CA ARG C 104 -7.31 -0.43 14.00
C ARG C 104 -7.32 1.03 13.59
N TYR C 105 -8.39 1.49 12.94
CA TYR C 105 -8.62 2.90 12.68
C TYR C 105 -9.52 3.53 13.73
N TYR C 106 -10.09 2.72 14.61
CA TYR C 106 -11.04 3.16 15.62
C TYR C 106 -10.57 2.67 16.98
N THR C 107 -11.10 3.28 18.04
CA THR C 107 -10.69 2.89 19.38
C THR C 107 -11.64 1.86 19.97
N HIS C 108 -12.93 2.14 19.93
CA HIS C 108 -13.95 1.29 20.53
C HIS C 108 -14.60 0.42 19.47
N TRP C 109 -14.92 -0.82 19.85
CA TRP C 109 -15.63 -1.73 18.97
C TRP C 109 -16.63 -2.53 19.78
N SER C 110 -17.62 -3.07 19.09
CA SER C 110 -18.70 -3.81 19.73
C SER C 110 -19.10 -4.96 18.82
N GLY C 111 -20.26 -5.55 19.10
CA GLY C 111 -20.77 -6.62 18.28
C GLY C 111 -19.94 -7.89 18.35
N SER C 112 -20.41 -8.90 17.61
CA SER C 112 -19.83 -10.22 17.66
C SER C 112 -19.14 -10.55 16.35
N LEU C 113 -18.11 -11.39 16.44
CA LEU C 113 -17.33 -11.83 15.30
C LEU C 113 -17.66 -13.28 14.97
N GLU C 114 -17.32 -13.69 13.76
CA GLU C 114 -17.51 -15.07 13.32
C GLU C 114 -16.19 -15.59 12.75
N MET C 115 -15.75 -16.74 13.26
CA MET C 115 -14.57 -17.43 12.76
C MET C 115 -15.01 -18.57 11.86
N THR C 116 -14.43 -18.64 10.67
CA THR C 116 -14.74 -19.69 9.72
C THR C 116 -13.47 -20.44 9.39
N PHE C 117 -13.55 -21.77 9.39
CA PHE C 117 -12.40 -22.62 9.14
C PHE C 117 -12.72 -23.58 8.02
N MET C 118 -11.89 -23.58 6.98
CA MET C 118 -12.05 -24.44 5.83
C MET C 118 -11.00 -25.55 5.88
N PHE C 119 -11.42 -26.77 5.57
CA PHE C 119 -10.53 -27.92 5.56
C PHE C 119 -9.99 -28.11 4.15
N CYS C 120 -8.66 -28.12 4.03
CA CYS C 120 -8.00 -28.26 2.74
C CYS C 120 -7.19 -29.55 2.66
N GLY C 121 -7.76 -30.64 3.15
CA GLY C 121 -7.18 -31.94 2.97
C GLY C 121 -7.80 -32.67 1.80
N SER C 122 -7.40 -33.93 1.62
CA SER C 122 -7.94 -34.70 0.52
C SER C 122 -9.39 -35.08 0.80
N PHE C 123 -10.06 -35.55 -0.25
CA PHE C 123 -11.43 -36.02 -0.09
C PHE C 123 -11.48 -37.29 0.74
N MET C 124 -10.40 -38.07 0.73
CA MET C 124 -10.39 -39.33 1.45
C MET C 124 -10.02 -39.15 2.91
N ALA C 125 -9.65 -37.94 3.30
CA ALA C 125 -9.29 -37.68 4.69
C ALA C 125 -10.52 -37.34 5.51
N ALA C 126 -10.65 -37.97 6.67
CA ALA C 126 -11.74 -37.72 7.59
C ALA C 126 -11.19 -37.19 8.90
N GLY C 127 -12.06 -36.60 9.71
CA GLY C 127 -11.62 -36.10 11.00
C GLY C 127 -12.74 -35.36 11.69
N LYS C 128 -12.48 -35.01 12.95
CA LYS C 128 -13.39 -34.22 13.77
C LYS C 128 -12.57 -33.27 14.63
N LEU C 129 -12.99 -32.01 14.66
CA LEU C 129 -12.32 -30.97 15.43
C LEU C 129 -13.34 -30.30 16.34
N ILE C 130 -12.84 -29.67 17.41
CA ILE C 130 -13.68 -28.91 18.32
C ILE C 130 -13.05 -27.53 18.52
N LEU C 131 -13.77 -26.49 18.12
CA LEU C 131 -13.30 -25.12 18.21
C LEU C 131 -13.98 -24.45 19.40
N CYS C 132 -13.19 -24.04 20.38
CA CYS C 132 -13.71 -23.51 21.64
C CYS C 132 -13.41 -22.03 21.73
N TYR C 133 -14.28 -21.30 22.43
CA TYR C 133 -14.06 -19.91 22.77
C TYR C 133 -14.30 -19.75 24.27
N THR C 134 -13.28 -19.30 25.00
CA THR C 134 -13.41 -19.09 26.42
C THR C 134 -13.43 -17.60 26.72
N PRO C 135 -14.42 -17.13 27.48
CA PRO C 135 -14.51 -15.70 27.80
C PRO C 135 -13.27 -15.19 28.52
N PRO C 136 -13.08 -13.87 28.57
CA PRO C 136 -11.76 -13.31 28.94
C PRO C 136 -11.15 -13.82 30.23
N GLY C 137 -11.96 -14.21 31.21
CA GLY C 137 -11.40 -14.55 32.51
C GLY C 137 -10.53 -15.80 32.46
N GLY C 138 -9.41 -15.74 33.14
CA GLY C 138 -8.57 -16.91 33.33
C GLY C 138 -7.58 -17.14 32.20
N SER C 139 -6.72 -18.13 32.40
CA SER C 139 -5.68 -18.48 31.44
C SER C 139 -6.27 -19.17 30.23
N CYS C 140 -5.42 -19.39 29.23
CA CYS C 140 -5.83 -20.17 28.07
C CYS C 140 -5.91 -21.65 28.46
N PRO C 141 -6.99 -22.34 28.11
CA PRO C 141 -7.10 -23.76 28.43
C PRO C 141 -6.12 -24.59 27.61
N THR C 142 -5.46 -25.53 28.29
CA THR C 142 -4.49 -26.41 27.64
C THR C 142 -4.99 -27.82 27.43
N THR C 143 -6.02 -28.24 28.17
CA THR C 143 -6.64 -29.55 28.00
C THR C 143 -8.06 -29.37 27.47
N ARG C 144 -8.57 -30.41 26.82
CA ARG C 144 -9.85 -30.27 26.12
C ARG C 144 -11.01 -30.19 27.10
N GLU C 145 -10.88 -30.81 28.27
CA GLU C 145 -11.99 -30.82 29.22
C GLU C 145 -12.26 -29.44 29.79
N THR C 146 -11.21 -28.63 29.97
CA THR C 146 -11.39 -27.28 30.49
C THR C 146 -11.78 -26.31 29.38
N ALA C 147 -11.51 -26.66 28.13
CA ALA C 147 -11.83 -25.77 27.02
C ALA C 147 -13.24 -26.02 26.51
N MET C 148 -13.76 -27.24 26.70
CA MET C 148 -15.12 -27.55 26.29
C MET C 148 -16.16 -26.80 27.11
N LEU C 149 -15.76 -26.22 28.25
CA LEU C 149 -16.73 -25.61 29.13
C LEU C 149 -17.23 -24.28 28.59
N GLY C 150 -16.52 -23.70 27.62
CA GLY C 150 -16.98 -22.51 26.95
C GLY C 150 -17.75 -22.83 25.69
N THR C 151 -18.24 -21.78 25.04
CA THR C 151 -18.98 -21.96 23.79
C THR C 151 -18.09 -22.56 22.72
N HIS C 152 -18.48 -23.74 22.23
CA HIS C 152 -17.68 -24.45 21.25
C HIS C 152 -18.57 -24.94 20.12
N ILE C 153 -17.93 -25.56 19.13
CA ILE C 153 -18.60 -26.21 18.01
C ILE C 153 -17.80 -27.46 17.69
N VAL C 154 -18.49 -28.58 17.48
CA VAL C 154 -17.86 -29.81 17.03
C VAL C 154 -18.09 -29.93 15.54
N TRP C 155 -17.02 -30.18 14.80
CA TRP C 155 -17.02 -30.10 13.35
C TRP C 155 -16.54 -31.42 12.76
N ASP C 156 -17.30 -31.94 11.81
CA ASP C 156 -16.99 -33.21 11.15
C ASP C 156 -16.70 -32.94 9.68
N PHE C 157 -15.50 -33.32 9.24
CA PHE C 157 -15.11 -33.08 7.85
C PHE C 157 -15.94 -33.93 6.91
N GLY C 158 -16.76 -33.28 6.11
CA GLY C 158 -17.60 -33.94 5.13
C GLY C 158 -17.60 -33.17 3.84
N LEU C 159 -18.74 -33.19 3.14
CA LEU C 159 -18.86 -32.42 1.91
C LEU C 159 -18.75 -30.92 2.19
N GLN C 160 -19.43 -30.44 3.23
CA GLN C 160 -19.32 -29.04 3.64
C GLN C 160 -18.02 -28.87 4.40
N SER C 161 -16.99 -28.41 3.71
CA SER C 161 -15.64 -28.35 4.25
C SER C 161 -15.36 -27.09 5.06
N SER C 162 -16.40 -26.40 5.53
CA SER C 162 -16.24 -25.17 6.29
C SER C 162 -17.27 -25.10 7.40
N VAL C 163 -16.82 -24.68 8.59
CA VAL C 163 -17.67 -24.53 9.75
C VAL C 163 -17.53 -23.10 10.26
N THR C 164 -18.51 -22.64 11.03
CA THR C 164 -18.52 -21.29 11.58
C THR C 164 -18.59 -21.36 13.09
N LEU C 165 -17.53 -20.93 13.75
CA LEU C 165 -17.56 -20.64 15.19
C LEU C 165 -17.79 -19.16 15.38
N ILE C 166 -18.83 -18.81 16.13
CA ILE C 166 -19.18 -17.42 16.37
C ILE C 166 -18.72 -17.03 17.76
N ILE C 167 -17.98 -15.93 17.84
CA ILE C 167 -17.55 -15.37 19.12
C ILE C 167 -18.61 -14.37 19.56
N PRO C 168 -19.51 -14.75 20.47
CA PRO C 168 -20.62 -13.86 20.80
C PRO C 168 -20.14 -12.65 21.57
N TRP C 169 -20.93 -11.58 21.51
CA TRP C 169 -20.63 -10.40 22.30
C TRP C 169 -20.86 -10.71 23.77
N ILE C 170 -19.78 -10.95 24.50
CA ILE C 170 -19.83 -11.22 25.93
C ILE C 170 -18.99 -10.13 26.58
N SER C 171 -19.64 -9.07 27.05
CA SER C 171 -18.94 -8.00 27.74
C SER C 171 -19.90 -7.34 28.71
N GLY C 172 -19.34 -6.74 29.76
CA GLY C 172 -20.16 -5.99 30.69
C GLY C 172 -20.55 -4.63 30.14
N SER C 173 -19.61 -3.97 29.48
CA SER C 173 -19.86 -2.66 28.90
C SER C 173 -20.51 -2.82 27.52
N HIS C 174 -20.77 -1.68 26.89
CA HIS C 174 -21.32 -1.71 25.53
C HIS C 174 -20.21 -1.85 24.51
N TYR C 175 -19.01 -1.37 24.83
CA TYR C 175 -17.90 -1.31 23.89
C TYR C 175 -16.66 -1.89 24.54
N ARG C 176 -15.67 -2.19 23.71
CA ARG C 176 -14.33 -2.54 24.15
C ARG C 176 -13.34 -1.59 23.50
N MET C 177 -12.32 -1.22 24.25
CA MET C 177 -11.33 -0.26 23.76
C MET C 177 -9.97 -0.92 23.66
N PHE C 178 -9.07 -0.25 22.95
CA PHE C 178 -7.73 -0.79 22.72
C PHE C 178 -6.83 -0.51 23.91
N ASN C 179 -6.52 0.76 24.14
CA ASN C 179 -5.91 1.30 25.36
C ASN C 179 -4.46 0.85 25.58
N ASN C 180 -4.05 -0.25 24.93
CA ASN C 180 -2.67 -0.72 24.89
C ASN C 180 -2.64 -2.09 24.21
N ASP C 181 -1.44 -2.64 24.00
CA ASP C 181 -1.30 -4.08 23.74
C ASP C 181 -1.26 -4.79 25.09
N ALA C 182 -2.39 -4.75 25.80
CA ALA C 182 -2.41 -5.07 27.22
C ALA C 182 -3.48 -6.11 27.53
N LYS C 183 -3.35 -6.71 28.71
CA LYS C 183 -4.32 -7.67 29.25
C LYS C 183 -5.19 -6.94 30.27
N SER C 184 -6.20 -6.22 29.79
CA SER C 184 -7.08 -5.44 30.63
C SER C 184 -8.48 -6.03 30.58
N THR C 185 -9.29 -5.67 31.58
CA THR C 185 -10.64 -6.22 31.67
C THR C 185 -11.52 -5.71 30.55
N ASN C 186 -11.45 -4.42 30.24
CA ASN C 186 -12.25 -3.83 29.18
C ASN C 186 -11.56 -3.86 27.82
N ALA C 187 -10.52 -4.69 27.65
CA ALA C 187 -9.82 -4.83 26.38
C ALA C 187 -9.78 -6.27 25.91
N ASN C 188 -9.71 -7.23 26.82
CA ASN C 188 -9.57 -8.64 26.43
C ASN C 188 -10.88 -9.18 25.88
N VAL C 189 -10.75 -10.12 24.95
CA VAL C 189 -11.88 -10.77 24.29
C VAL C 189 -11.99 -12.24 24.66
N GLY C 190 -10.92 -12.84 25.16
CA GLY C 190 -10.89 -14.26 25.41
C GLY C 190 -9.96 -14.96 24.45
N TYR C 191 -10.07 -16.27 24.43
CA TYR C 191 -9.20 -17.12 23.62
C TYR C 191 -10.05 -18.04 22.74
N VAL C 192 -9.46 -18.44 21.63
CA VAL C 192 -10.03 -19.47 20.75
C VAL C 192 -9.01 -20.58 20.62
N THR C 193 -9.42 -21.81 20.94
CA THR C 193 -8.55 -22.96 20.88
C THR C 193 -9.18 -24.02 19.98
N CYS C 194 -8.33 -24.89 19.44
CA CYS C 194 -8.79 -26.00 18.62
C CYS C 194 -8.13 -27.28 19.12
N PHE C 195 -8.96 -28.28 19.40
CA PHE C 195 -8.50 -29.59 19.82
C PHE C 195 -8.95 -30.62 18.80
N MET C 196 -8.42 -31.82 18.93
CA MET C 196 -8.89 -32.95 18.16
C MET C 196 -10.06 -33.59 18.88
N GLN C 197 -11.24 -33.62 18.23
CA GLN C 197 -12.36 -34.34 18.81
C GLN C 197 -12.12 -35.84 18.75
N THR C 198 -11.82 -36.37 17.56
CA THR C 198 -11.41 -37.77 17.48
C THR C 198 -9.98 -37.84 16.96
N ASN C 199 -9.74 -37.48 15.70
CA ASN C 199 -8.41 -37.65 15.08
C ASN C 199 -8.50 -37.19 13.64
N LEU C 200 -7.37 -37.22 12.96
CA LEU C 200 -7.30 -37.02 11.52
C LEU C 200 -6.87 -38.34 10.87
N ILE C 201 -7.86 -39.14 10.48
CA ILE C 201 -7.61 -40.42 9.83
C ILE C 201 -7.55 -40.19 8.32
N VAL C 202 -6.51 -40.74 7.69
CA VAL C 202 -6.22 -40.48 6.28
C VAL C 202 -5.60 -41.73 5.68
N PRO C 203 -5.97 -42.13 4.46
CA PRO C 203 -5.37 -43.32 3.85
C PRO C 203 -3.92 -43.09 3.48
N SER C 204 -3.33 -44.12 2.86
CA SER C 204 -1.90 -44.10 2.61
C SER C 204 -1.55 -43.33 1.36
N GLU C 205 -2.44 -43.28 0.38
CA GLU C 205 -2.15 -42.58 -0.87
C GLU C 205 -2.33 -41.07 -0.70
N SER C 206 -3.19 -40.66 0.22
CA SER C 206 -3.37 -39.24 0.50
C SER C 206 -2.19 -38.73 1.32
N SER C 207 -2.00 -37.41 1.29
CA SER C 207 -0.90 -36.80 2.04
C SER C 207 -1.22 -36.85 3.53
N ASP C 208 -0.18 -37.07 4.35
CA ASP C 208 -0.40 -37.37 5.75
C ASP C 208 -0.77 -36.13 6.56
N THR C 209 -0.36 -34.96 6.08
CA THR C 209 -0.64 -33.70 6.77
C THR C 209 -1.63 -32.89 5.94
N CYS C 210 -2.66 -32.38 6.60
CA CYS C 210 -3.74 -31.64 5.93
C CYS C 210 -3.86 -30.27 6.57
N SER C 211 -3.80 -29.23 5.76
CA SER C 211 -3.82 -27.86 6.27
C SER C 211 -5.25 -27.42 6.60
N LEU C 212 -5.34 -26.29 7.30
CA LEU C 212 -6.61 -25.74 7.75
C LEU C 212 -6.51 -24.22 7.72
N ILE C 213 -7.27 -23.60 6.81
CA ILE C 213 -7.29 -22.15 6.67
C ILE C 213 -8.44 -21.59 7.49
N GLY C 214 -8.19 -20.52 8.23
CA GLY C 214 -9.20 -19.89 9.07
C GLY C 214 -9.53 -18.50 8.54
N PHE C 215 -10.81 -18.15 8.59
CA PHE C 215 -11.29 -16.85 8.18
C PHE C 215 -11.97 -16.17 9.35
N ILE C 216 -12.15 -14.86 9.26
CA ILE C 216 -12.71 -14.07 10.34
C ILE C 216 -13.40 -12.85 9.75
N ALA C 217 -14.66 -12.64 10.12
CA ALA C 217 -15.45 -11.52 9.66
C ALA C 217 -16.20 -10.93 10.85
N ALA C 218 -17.15 -10.04 10.55
CA ALA C 218 -17.98 -9.43 11.56
C ALA C 218 -19.45 -9.63 11.19
N LYS C 219 -20.29 -9.63 12.22
CA LYS C 219 -21.73 -9.79 12.00
C LYS C 219 -22.36 -8.44 11.69
N ASP C 220 -23.70 -8.44 11.63
CA ASP C 220 -24.42 -7.18 11.52
C ASP C 220 -24.38 -6.40 12.83
N ASP C 221 -24.10 -7.09 13.94
CA ASP C 221 -24.07 -6.46 15.25
C ASP C 221 -22.82 -5.61 15.46
N PHE C 222 -21.78 -5.81 14.64
CA PHE C 222 -20.52 -5.13 14.83
C PHE C 222 -20.69 -3.61 14.72
N SER C 223 -19.84 -2.88 15.44
CA SER C 223 -19.85 -1.43 15.44
C SER C 223 -18.49 -0.92 15.85
N LEU C 224 -18.14 0.27 15.36
CA LEU C 224 -16.85 0.89 15.64
C LEU C 224 -17.06 2.35 16.01
N ARG C 225 -16.15 2.90 16.80
CA ARG C 225 -16.32 4.21 17.40
C ARG C 225 -14.98 4.84 17.72
N LEU C 226 -14.97 6.17 17.80
CA LEU C 226 -13.82 6.96 18.22
C LEU C 226 -12.62 6.72 17.29
N MET C 227 -12.79 7.16 16.06
CA MET C 227 -11.77 6.99 15.04
C MET C 227 -10.44 7.61 15.48
N ARG C 228 -9.35 7.03 14.99
CA ARG C 228 -8.00 7.42 15.40
C ARG C 228 -7.04 7.23 14.23
N ASP C 229 -5.77 7.48 14.49
CA ASP C 229 -4.73 7.20 13.50
C ASP C 229 -4.33 5.73 13.55
N SER C 230 -4.37 5.07 12.40
CA SER C 230 -3.99 3.67 12.35
C SER C 230 -2.48 3.53 12.58
N PRO C 231 -2.07 2.60 13.44
CA PRO C 231 -0.64 2.33 13.64
C PRO C 231 -0.02 1.39 12.60
N ASP C 232 -0.82 0.87 11.67
CA ASP C 232 -0.31 -0.11 10.73
C ASP C 232 0.54 0.54 9.64
N ILE C 233 0.60 1.87 9.62
CA ILE C 233 1.38 2.62 8.65
C ILE C 233 2.08 3.77 9.36
N GLY C 234 3.23 4.16 8.85
CA GLY C 234 3.97 5.27 9.42
C GLY C 234 5.25 5.49 8.65
N GLN C 235 5.67 6.75 8.59
CA GLN C 235 6.88 7.12 7.88
C GLN C 235 7.79 7.93 8.77
N LEU C 236 9.09 7.73 8.60
CA LEU C 236 10.10 8.48 9.33
C LEU C 236 10.72 9.58 8.48
N ASP C 237 10.43 9.62 7.19
CA ASP C 237 10.98 10.62 6.29
C ASP C 237 10.07 10.73 5.07
N HIS C 238 10.50 11.54 4.11
CA HIS C 238 9.75 11.69 2.88
C HIS C 238 10.00 10.51 1.96
N LEU C 239 8.94 10.04 1.30
CA LEU C 239 9.07 8.93 0.38
C LEU C 239 9.89 9.34 -0.84
N HIS C 240 10.30 8.34 -1.61
CA HIS C 240 11.12 8.60 -2.79
C HIS C 240 10.33 9.36 -3.84
N ALA C 241 11.01 10.25 -4.55
CA ALA C 241 10.49 11.09 -5.62
C ALA C 241 9.51 12.13 -5.10
N ALA C 242 9.44 12.36 -3.79
CA ALA C 242 8.55 13.40 -3.27
C ALA C 242 9.13 14.78 -3.52
N GLU C 243 10.45 14.88 -3.63
CA GLU C 243 11.06 16.16 -3.95
C GLU C 243 10.84 16.53 -5.41
N ALA C 244 10.62 15.53 -6.27
CA ALA C 244 10.38 15.80 -7.68
C ALA C 244 9.01 16.44 -7.89
N ALA C 245 8.11 16.30 -6.91
CA ALA C 245 6.80 16.93 -6.97
C ALA C 245 6.87 18.44 -6.78
N TYR C 246 8.05 18.98 -6.43
CA TYR C 246 8.23 20.40 -6.19
C TYR C 246 9.08 21.05 -7.26
N GLN C 247 9.05 20.52 -8.47
CA GLN C 247 9.92 20.97 -9.55
C GLN C 247 9.43 20.46 -10.91
N ILE D 29 -26.70 26.60 5.40
CA ILE D 29 -25.89 27.73 5.83
C ILE D 29 -24.97 28.08 4.65
N ASN D 30 -25.18 27.38 3.54
CA ASN D 30 -24.39 27.62 2.34
C ASN D 30 -24.80 28.92 1.67
N PHE D 31 -23.85 29.85 1.56
CA PHE D 31 -24.10 31.14 0.96
C PHE D 31 -23.35 31.32 -0.36
N TYR D 32 -22.84 30.23 -0.94
CA TYR D 32 -22.16 30.26 -2.23
C TYR D 32 -23.09 29.76 -3.31
N LYS D 33 -22.85 30.19 -4.54
CA LYS D 33 -23.71 29.80 -5.65
C LYS D 33 -23.40 28.37 -6.11
N ASP D 34 -22.13 27.99 -6.07
CA ASP D 34 -21.75 26.67 -6.56
C ASP D 34 -22.09 25.60 -5.53
N SER D 35 -22.72 24.52 -5.99
CA SER D 35 -23.29 23.54 -5.07
C SER D 35 -22.22 22.67 -4.43
N TYR D 36 -21.08 22.51 -5.09
CA TYR D 36 -20.04 21.62 -4.57
C TYR D 36 -19.35 22.18 -3.33
N ALA D 37 -19.57 23.44 -3.01
CA ALA D 37 -18.91 24.09 -1.88
C ALA D 37 -19.63 23.87 -0.56
N ALA D 38 -20.75 23.16 -0.56
CA ALA D 38 -21.51 22.94 0.65
C ALA D 38 -20.70 22.10 1.65
N SER D 39 -21.24 21.97 2.86
CA SER D 39 -20.58 21.17 3.87
C SER D 39 -20.78 19.69 3.59
N ALA D 40 -20.06 18.85 4.33
CA ALA D 40 -20.11 17.42 4.10
C ALA D 40 -21.48 16.85 4.40
N SER D 41 -21.86 15.82 3.66
CA SER D 41 -23.14 15.15 3.81
C SER D 41 -22.96 13.92 4.69
N LYS D 42 -23.61 13.92 5.85
CA LYS D 42 -23.49 12.85 6.83
C LYS D 42 -24.81 12.10 7.04
N GLN D 43 -25.57 11.89 5.98
CA GLN D 43 -26.92 11.34 6.08
C GLN D 43 -27.16 10.18 5.13
N ASP D 44 -26.10 9.57 4.59
CA ASP D 44 -26.24 8.45 3.66
C ASP D 44 -26.15 7.16 4.45
N PHE D 45 -27.30 6.66 4.91
CA PHE D 45 -27.37 5.49 5.77
C PHE D 45 -27.94 4.29 5.03
N SER D 46 -27.71 4.20 3.72
CA SER D 46 -28.38 3.23 2.88
C SER D 46 -27.46 2.13 2.39
N GLN D 47 -26.59 1.61 3.24
CA GLN D 47 -25.59 0.66 2.79
C GLN D 47 -26.21 -0.69 2.43
N ASP D 48 -25.68 -1.31 1.38
CA ASP D 48 -26.05 -2.66 0.95
C ASP D 48 -24.83 -3.55 1.07
N PRO D 49 -24.82 -4.53 1.98
CA PRO D 49 -23.64 -5.38 2.15
C PRO D 49 -23.62 -6.64 1.30
N SER D 50 -24.75 -7.01 0.69
CA SER D 50 -24.79 -8.24 -0.10
C SER D 50 -23.99 -8.12 -1.40
N LYS D 51 -23.56 -6.91 -1.76
CA LYS D 51 -22.64 -6.78 -2.89
C LYS D 51 -21.38 -7.59 -2.67
N PHE D 52 -20.93 -7.68 -1.41
CA PHE D 52 -19.69 -8.36 -1.05
C PHE D 52 -19.92 -9.62 -0.24
N THR D 53 -20.97 -9.66 0.59
CA THR D 53 -21.20 -10.84 1.41
C THR D 53 -21.95 -11.93 0.64
N GLU D 54 -22.63 -11.57 -0.45
CA GLU D 54 -23.35 -12.53 -1.26
C GLU D 54 -23.24 -12.09 -2.72
N PRO D 55 -22.08 -12.27 -3.33
CA PRO D 55 -21.89 -11.78 -4.70
C PRO D 55 -22.30 -12.81 -5.73
N VAL D 56 -23.59 -13.09 -5.84
CA VAL D 56 -24.09 -14.07 -6.80
C VAL D 56 -25.11 -13.41 -7.72
N VAL E 2 23.72 21.52 -4.93
CA VAL E 2 23.76 22.43 -3.80
C VAL E 2 25.20 22.61 -3.35
N GLN E 3 25.43 23.45 -2.34
CA GLN E 3 26.76 23.76 -1.87
C GLN E 3 26.87 23.41 -0.40
N LEU E 4 27.88 22.64 -0.06
CA LEU E 4 28.16 22.22 1.31
C LEU E 4 29.55 22.67 1.70
N GLN E 5 29.64 23.51 2.74
CA GLN E 5 30.90 24.05 3.21
C GLN E 5 31.04 23.79 4.69
N GLU E 6 32.15 23.17 5.08
CA GLU E 6 32.40 22.79 6.47
C GLU E 6 33.66 23.47 6.97
N SER E 7 33.73 23.70 8.29
CA SER E 7 34.82 24.44 8.90
C SER E 7 34.99 23.98 10.34
N GLY E 8 36.24 23.83 10.77
CA GLY E 8 36.57 23.47 12.12
C GLY E 8 38.06 23.43 12.35
N PRO E 9 38.49 22.94 13.52
CA PRO E 9 39.93 22.79 13.77
C PRO E 9 40.47 21.53 13.12
N GLY E 10 41.59 21.69 12.41
CA GLY E 10 42.15 20.60 11.65
C GLY E 10 43.40 19.94 12.22
N LEU E 11 44.32 20.73 12.74
CA LEU E 11 45.61 20.21 13.18
C LEU E 11 45.78 20.21 14.69
N VAL E 12 44.73 20.54 15.44
CA VAL E 12 44.82 20.70 16.89
C VAL E 12 43.67 19.91 17.53
N LYS E 13 43.95 18.67 17.92
CA LYS E 13 42.93 17.86 18.57
C LYS E 13 43.57 16.68 19.31
N PRO E 14 44.15 16.90 20.50
CA PRO E 14 44.85 15.80 21.18
C PRO E 14 43.94 14.66 21.61
N SER E 15 42.98 14.96 22.50
CA SER E 15 42.00 13.95 22.89
C SER E 15 40.61 14.55 23.11
N GLU E 16 40.39 15.83 22.82
CA GLU E 16 39.15 16.49 23.12
C GLU E 16 38.08 16.13 22.06
N THR E 17 36.84 16.53 22.33
CA THR E 17 35.76 16.39 21.38
C THR E 17 36.14 16.95 20.02
N LEU E 18 35.82 16.21 18.96
CA LEU E 18 36.10 16.64 17.59
C LEU E 18 34.87 17.34 17.02
N SER E 19 34.71 18.59 17.42
CA SER E 19 33.61 19.40 16.90
C SER E 19 33.91 19.85 15.48
N LEU E 20 32.88 19.87 14.64
CA LEU E 20 33.02 20.22 13.23
C LEU E 20 31.65 20.52 12.67
N THR E 21 31.50 21.68 12.06
CA THR E 21 30.22 22.16 11.55
C THR E 21 30.26 22.25 10.04
N CYS E 22 29.09 22.40 9.43
CA CYS E 22 28.96 22.38 7.98
C CYS E 22 27.71 23.12 7.57
N THR E 23 27.86 24.25 6.90
CA THR E 23 26.76 25.13 6.54
C THR E 23 26.22 24.74 5.16
N VAL E 24 24.90 24.63 5.07
CA VAL E 24 24.24 24.25 3.82
C VAL E 24 23.76 25.50 3.11
N SER E 25 23.95 25.55 1.79
CA SER E 25 23.76 26.77 1.03
C SER E 25 22.59 26.69 0.06
N GLY E 26 22.57 25.71 -0.84
CA GLY E 26 21.60 25.74 -1.92
C GLY E 26 20.26 25.15 -1.55
N TYR E 27 20.25 24.19 -0.63
CA TYR E 27 19.05 23.46 -0.26
C TYR E 27 18.68 23.78 1.18
N LEU E 28 17.38 23.86 1.46
CA LEU E 28 16.93 23.99 2.83
C LEU E 28 17.04 22.64 3.54
N ILE E 29 17.77 22.64 4.64
CA ILE E 29 18.17 21.42 5.34
C ILE E 29 16.96 20.83 6.07
N SER E 30 15.80 21.48 5.92
CA SER E 30 14.57 21.05 6.56
C SER E 30 13.56 20.49 5.55
N ASN E 31 14.03 20.03 4.40
CA ASN E 31 13.16 19.46 3.38
C ASN E 31 13.39 17.97 3.14
N GLY E 32 14.46 17.40 3.67
CA GLY E 32 14.72 15.98 3.52
C GLY E 32 16.21 15.73 3.36
N TYR E 33 16.53 14.62 2.68
CA TYR E 33 17.89 14.37 2.22
C TYR E 33 18.91 14.27 3.35
N TYR E 34 18.91 13.15 4.08
CA TYR E 34 19.75 12.94 5.24
C TYR E 34 21.13 13.56 5.09
N TRP E 35 21.59 14.21 6.15
CA TRP E 35 22.83 14.97 6.15
C TRP E 35 23.79 14.31 7.11
N GLY E 36 24.96 13.90 6.61
CA GLY E 36 25.88 13.12 7.40
C GLY E 36 27.32 13.37 7.04
N TRP E 37 28.20 12.57 7.66
CA TRP E 37 29.64 12.74 7.57
C TRP E 37 30.27 11.44 7.08
N ILE E 38 31.18 11.55 6.14
CA ILE E 38 31.93 10.41 5.60
C ILE E 38 33.40 10.78 5.56
N ARG E 39 34.21 10.03 6.31
CA ARG E 39 35.63 10.34 6.45
C ARG E 39 36.45 9.36 5.63
N GLN E 40 37.36 9.89 4.81
CA GLN E 40 38.26 9.07 4.00
C GLN E 40 39.57 8.92 4.75
N SER E 41 39.57 8.00 5.71
CA SER E 41 40.75 7.79 6.53
C SER E 41 41.81 7.04 5.73
N PRO E 42 43.09 7.35 5.94
CA PRO E 42 44.14 6.49 5.36
C PRO E 42 44.13 5.10 5.94
N GLY E 43 43.59 4.93 7.16
CA GLY E 43 43.56 3.61 7.77
C GLY E 43 42.55 2.69 7.14
N LYS E 44 41.34 3.19 6.86
CA LYS E 44 40.31 2.36 6.25
C LYS E 44 39.96 2.83 4.84
N GLY E 45 39.57 4.09 4.67
CA GLY E 45 39.22 4.58 3.34
C GLY E 45 37.73 4.69 3.09
N LEU E 46 37.19 5.91 3.16
CA LEU E 46 35.79 6.18 2.91
C LEU E 46 34.88 5.39 3.84
N GLU E 47 34.99 5.70 5.13
CA GLU E 47 34.08 5.17 6.13
C GLU E 47 32.98 6.18 6.42
N TRP E 48 31.78 5.67 6.66
CA TRP E 48 30.59 6.50 6.91
C TRP E 48 30.42 6.64 8.42
N ILE E 49 30.37 7.90 8.88
CA ILE E 49 30.32 8.15 10.31
C ILE E 49 28.89 8.07 10.82
N GLY E 50 27.99 8.82 10.20
CA GLY E 50 26.61 8.86 10.62
C GLY E 50 25.90 9.95 9.88
N SER E 51 24.59 10.00 10.06
CA SER E 51 23.76 10.98 9.38
C SER E 51 22.58 11.33 10.26
N ILE E 52 21.87 12.39 9.89
CA ILE E 52 20.76 12.90 10.68
C ILE E 52 19.70 13.46 9.74
N TYR E 53 18.44 13.26 10.09
CA TYR E 53 17.32 13.87 9.39
C TYR E 53 16.89 15.13 10.13
N TYR E 54 16.22 16.03 9.41
CA TYR E 54 15.81 17.30 10.02
C TYR E 54 14.85 17.10 11.19
N THR E 55 14.26 15.92 11.34
CA THR E 55 13.49 15.58 12.52
C THR E 55 14.37 15.08 13.67
N ARG E 56 15.69 15.31 13.56
CA ARG E 56 16.66 14.86 14.56
C ARG E 56 16.59 13.35 14.76
N ASP E 57 16.95 12.60 13.72
CA ASP E 57 16.78 11.15 13.77
C ASP E 57 18.09 10.44 14.12
N THR E 58 19.22 10.95 13.63
CA THR E 58 20.55 10.55 14.09
C THR E 58 20.83 9.06 13.98
N TYR E 59 20.94 8.54 12.76
CA TYR E 59 21.37 7.16 12.53
C TYR E 59 22.90 7.13 12.50
N TYR E 60 23.49 6.31 13.35
CA TYR E 60 24.92 6.30 13.60
C TYR E 60 25.56 5.03 13.03
N ASN E 61 26.88 4.96 13.15
CA ASN E 61 27.63 3.78 12.75
C ASN E 61 27.91 2.87 13.94
N LYS E 65 30.79 2.03 16.26
CA LYS E 65 31.10 3.36 16.79
C LYS E 65 29.85 4.17 17.05
N SER E 66 29.50 4.36 18.33
CA SER E 66 28.45 5.29 18.73
C SER E 66 28.99 6.20 19.84
N ARG E 67 29.71 7.24 19.43
CA ARG E 67 30.14 8.32 20.32
C ARG E 67 30.20 9.65 19.59
N ILE E 68 29.37 9.86 18.56
CA ILE E 68 29.59 10.96 17.64
C ILE E 68 28.60 12.10 17.89
N THR E 69 27.38 11.77 18.30
CA THR E 69 26.37 12.77 18.65
C THR E 69 26.24 13.85 17.58
N ILE E 70 25.85 13.43 16.36
CA ILE E 70 25.57 14.39 15.31
C ILE E 70 24.32 15.18 15.65
N SER E 71 24.31 16.46 15.29
CA SER E 71 23.17 17.32 15.57
C SER E 71 22.86 18.15 14.35
N VAL E 72 21.76 18.90 14.43
CA VAL E 72 21.26 19.69 13.32
C VAL E 72 20.75 21.02 13.85
N ASP E 73 20.83 22.06 13.03
CA ASP E 73 20.28 23.38 13.35
C ASP E 73 19.81 24.02 12.05
N THR E 74 18.53 23.87 11.75
CA THR E 74 17.98 24.43 10.52
C THR E 74 17.87 25.95 10.60
N SER E 75 17.93 26.51 11.82
CA SER E 75 17.88 27.96 11.97
C SER E 75 19.08 28.62 11.29
N LYS E 76 20.28 28.11 11.56
CA LYS E 76 21.49 28.57 10.89
C LYS E 76 21.90 27.69 9.71
N LYS E 77 20.98 26.83 9.24
CA LYS E 77 21.17 25.92 8.10
C LYS E 77 22.53 25.22 8.15
N GLN E 78 22.75 24.45 9.21
CA GLN E 78 24.00 23.72 9.36
C GLN E 78 23.81 22.57 10.33
N PHE E 79 24.70 21.59 10.23
CA PHE E 79 24.72 20.43 11.11
C PHE E 79 26.17 20.13 11.51
N SER E 80 26.33 19.46 12.64
CA SER E 80 27.64 19.23 13.23
C SER E 80 27.77 17.79 13.70
N LEU E 81 29.01 17.35 13.91
CA LEU E 81 29.29 16.10 14.59
C LEU E 81 30.28 16.38 15.71
N LYS E 82 30.44 15.40 16.60
CA LYS E 82 31.35 15.53 17.73
C LYS E 82 31.94 14.17 18.09
N LEU E 83 33.10 13.86 17.52
CA LEU E 83 33.82 12.63 17.83
C LEU E 83 34.48 12.76 19.20
N TYR E 84 34.11 11.90 20.12
CA TYR E 84 34.66 11.89 21.47
C TYR E 84 35.87 10.97 21.54
N SER E 85 36.85 11.35 22.37
CA SER E 85 38.01 10.51 22.67
C SER E 85 38.79 10.15 21.40
N VAL E 86 39.15 11.16 20.63
CA VAL E 86 39.86 10.94 19.37
C VAL E 86 41.32 10.66 19.66
N THR E 87 41.79 9.46 19.27
CA THR E 87 43.19 9.07 19.48
C THR E 87 43.78 8.50 18.20
N ALA E 88 44.23 9.39 17.31
CA ALA E 88 45.19 9.08 16.25
C ALA E 88 44.65 8.11 15.20
N ALA E 89 43.45 7.57 15.42
CA ALA E 89 42.81 6.72 14.43
C ALA E 89 41.74 7.48 13.65
N ASP E 90 41.41 8.69 14.09
CA ASP E 90 40.40 9.51 13.46
C ASP E 90 40.99 10.63 12.62
N THR E 91 42.24 10.47 12.17
CA THR E 91 42.85 11.40 11.23
C THR E 91 42.37 11.05 9.83
N ALA E 92 41.50 11.90 9.27
CA ALA E 92 40.85 11.61 8.01
C ALA E 92 40.57 12.91 7.27
N VAL E 93 39.67 12.83 6.28
CA VAL E 93 39.39 14.00 5.45
C VAL E 93 38.01 14.57 5.78
N TYR E 94 37.09 13.75 6.29
CA TYR E 94 35.85 14.22 6.91
C TYR E 94 35.00 15.06 5.96
N TYR E 95 34.48 14.39 4.93
CA TYR E 95 33.57 15.03 4.01
C TYR E 95 32.20 15.23 4.65
N CYS E 96 31.46 16.22 4.13
CA CYS E 96 30.17 16.62 4.65
C CYS E 96 29.12 16.44 3.56
N VAL E 97 28.28 15.42 3.69
CA VAL E 97 27.47 14.96 2.57
C VAL E 97 25.98 15.12 2.85
N ARG E 98 25.21 15.08 1.78
CA ARG E 98 23.78 14.78 1.82
C ARG E 98 23.56 13.57 0.92
N HIS E 99 22.69 12.67 1.35
CA HIS E 99 22.45 11.43 0.61
C HIS E 99 20.96 11.10 0.61
N GLU E 100 20.43 10.81 -0.57
CA GLU E 100 19.05 10.44 -0.74
C GLU E 100 18.86 8.98 -0.31
N GLY E 101 18.32 8.79 0.89
CA GLY E 101 18.09 7.46 1.40
C GLY E 101 16.69 7.33 1.96
N SER E 102 16.46 6.23 2.68
CA SER E 102 15.22 6.04 3.43
C SER E 102 15.50 5.16 4.65
N CYS E 103 15.72 5.79 5.79
CA CYS E 103 15.92 5.08 7.05
C CYS E 103 14.60 5.03 7.81
N ASN E 104 13.56 4.51 7.16
CA ASN E 104 12.20 4.69 7.67
C ASN E 104 11.92 3.77 8.86
N ASP E 105 12.80 2.82 9.14
CA ASP E 105 12.47 1.74 10.08
C ASP E 105 13.53 1.54 11.16
N GLY E 106 14.55 2.39 11.20
CA GLY E 106 15.71 2.13 12.02
C GLY E 106 16.89 1.57 11.26
N SER E 107 16.72 1.35 9.95
CA SER E 107 17.78 0.93 9.06
C SER E 107 17.52 1.56 7.70
N CYS E 108 18.59 1.95 7.02
CA CYS E 108 18.50 2.70 5.78
C CYS E 108 18.61 1.78 4.58
N TYR E 109 18.11 2.23 3.44
CA TYR E 109 18.32 1.55 2.17
C TYR E 109 18.36 2.56 1.05
N GLY E 110 19.23 2.31 0.08
CA GLY E 110 19.28 3.16 -1.10
C GLY E 110 19.77 4.57 -0.80
N SER E 111 20.77 4.70 0.05
CA SER E 111 21.31 6.00 0.46
C SER E 111 22.50 6.34 -0.41
N PHE E 112 22.27 7.07 -1.48
CA PHE E 112 23.29 7.44 -2.45
C PHE E 112 23.71 8.88 -2.23
N VAL E 113 25.02 9.11 -2.13
CA VAL E 113 25.55 10.43 -1.83
C VAL E 113 25.61 11.28 -3.08
N ASP E 114 24.58 12.10 -3.30
CA ASP E 114 24.52 12.93 -4.49
C ASP E 114 25.44 14.15 -4.39
N ASN E 115 25.35 14.88 -3.29
CA ASN E 115 26.21 16.04 -3.04
C ASN E 115 27.20 15.69 -1.95
N TRP E 116 28.44 16.16 -2.10
CA TRP E 116 29.56 15.66 -1.31
C TRP E 116 30.24 16.72 -0.45
N GLY E 117 30.40 17.94 -0.95
CA GLY E 117 31.14 18.94 -0.22
C GLY E 117 32.63 18.86 -0.50
N GLN E 118 33.41 19.31 0.48
CA GLN E 118 34.87 19.32 0.38
C GLN E 118 35.48 18.94 1.71
N GLY E 119 36.71 18.44 1.65
CA GLY E 119 37.30 17.79 2.81
C GLY E 119 37.68 18.77 3.90
N THR E 120 37.88 18.22 5.10
CA THR E 120 38.44 18.92 6.25
C THR E 120 39.43 17.97 6.92
N LEU E 121 40.69 18.04 6.50
CA LEU E 121 41.70 17.16 7.06
C LEU E 121 41.86 17.45 8.55
N VAL E 122 41.48 16.50 9.38
CA VAL E 122 41.51 16.63 10.84
C VAL E 122 42.65 15.78 11.36
N THR E 123 43.56 16.39 12.11
CA THR E 123 44.75 15.73 12.60
C THR E 123 44.68 15.60 14.12
N VAL E 124 44.83 14.37 14.61
CA VAL E 124 44.92 14.10 16.04
C VAL E 124 46.41 13.96 16.37
N SER E 125 46.97 14.97 17.01
CA SER E 125 48.40 15.03 17.32
C SER E 125 48.59 15.41 18.78
N SER E 126 49.86 15.56 19.17
CA SER E 126 50.25 15.84 20.55
C SER E 126 49.68 14.80 21.50
N ILE F 2 27.50 -5.99 5.05
CA ILE F 2 27.99 -6.25 3.71
C ILE F 2 29.37 -5.63 3.54
N GLN F 3 30.30 -6.40 2.97
CA GLN F 3 31.66 -5.92 2.69
C GLN F 3 31.89 -6.03 1.19
N MET F 4 32.04 -4.88 0.53
CA MET F 4 32.17 -4.82 -0.92
C MET F 4 33.64 -4.92 -1.29
N THR F 5 34.04 -6.08 -1.81
CA THR F 5 35.41 -6.26 -2.29
C THR F 5 35.41 -5.80 -3.75
N GLN F 6 35.57 -4.49 -3.93
CA GLN F 6 35.55 -3.86 -5.24
C GLN F 6 36.83 -4.08 -6.03
N SER F 7 37.85 -4.66 -5.42
CA SER F 7 39.18 -4.59 -6.01
C SER F 7 39.64 -5.88 -6.67
N PRO F 8 39.57 -5.99 -8.00
CA PRO F 8 40.46 -6.95 -8.68
C PRO F 8 41.90 -6.49 -8.69
N SER F 9 42.13 -5.22 -9.03
CA SER F 9 43.46 -4.62 -9.08
C SER F 9 43.34 -3.10 -9.21
N SER F 10 44.46 -2.44 -9.46
CA SER F 10 44.47 -1.03 -9.87
C SER F 10 44.79 -0.99 -11.37
N VAL F 11 43.74 -1.13 -12.18
CA VAL F 11 43.94 -1.39 -13.61
C VAL F 11 44.38 -0.13 -14.32
N SER F 12 45.26 -0.29 -15.29
CA SER F 12 45.75 0.80 -16.12
C SER F 12 45.28 0.58 -17.56
N ALA F 13 44.86 1.65 -18.22
CA ALA F 13 44.30 1.55 -19.56
C ALA F 13 44.77 2.72 -20.40
N SER F 14 44.71 2.53 -21.71
CA SER F 14 45.05 3.58 -22.65
C SER F 14 43.83 4.44 -22.96
N VAL F 15 44.07 5.56 -23.63
CA VAL F 15 42.98 6.46 -24.01
C VAL F 15 42.14 5.80 -25.09
N GLY F 16 40.82 5.81 -24.91
CA GLY F 16 39.91 5.17 -25.83
C GLY F 16 39.69 3.69 -25.60
N ASP F 17 39.89 3.21 -24.38
CA ASP F 17 39.75 1.80 -24.08
C ASP F 17 38.34 1.51 -23.55
N ARG F 18 38.14 0.27 -23.09
CA ARG F 18 36.88 -0.19 -22.55
C ARG F 18 37.12 -0.79 -21.15
N VAL F 19 37.84 -0.04 -20.32
CA VAL F 19 38.21 -0.53 -19.00
C VAL F 19 36.97 -0.94 -18.22
N THR F 20 37.08 -2.03 -17.47
CA THR F 20 35.94 -2.64 -16.79
C THR F 20 36.30 -2.94 -15.34
N LEU F 21 35.51 -2.39 -14.42
CA LEU F 21 35.69 -2.59 -12.98
C LEU F 21 34.55 -3.44 -12.44
N THR F 22 34.88 -4.36 -11.54
CA THR F 22 33.92 -5.30 -10.97
C THR F 22 33.89 -5.13 -9.45
N CYS F 23 32.70 -5.27 -8.87
CA CYS F 23 32.50 -5.07 -7.44
C CYS F 23 31.68 -6.22 -6.85
N ARG F 24 32.33 -7.05 -6.06
CA ARG F 24 31.68 -8.22 -5.45
C ARG F 24 31.14 -7.85 -4.08
N ALA F 25 29.98 -8.41 -3.74
CA ALA F 25 29.34 -8.16 -2.46
C ALA F 25 29.19 -9.46 -1.68
N SER F 26 29.27 -9.36 -0.36
CA SER F 26 29.05 -10.54 0.48
C SER F 26 27.59 -10.99 0.39
N GLN F 27 26.67 -10.10 0.73
CA GLN F 27 25.24 -10.40 0.65
C GLN F 27 24.76 -10.36 -0.79
N ASP F 28 23.60 -10.96 -1.03
CA ASP F 28 22.97 -10.90 -2.34
C ASP F 28 22.04 -9.70 -2.39
N ILE F 29 22.65 -8.52 -2.35
CA ILE F 29 21.92 -7.26 -2.37
C ILE F 29 21.21 -7.10 -3.72
N SER F 30 20.23 -6.21 -3.77
CA SER F 30 19.50 -5.91 -4.99
C SER F 30 20.33 -4.98 -5.84
N SER F 31 19.71 -4.32 -6.82
CA SER F 31 20.39 -3.35 -7.68
C SER F 31 20.83 -2.10 -6.92
N TRP F 32 20.79 -2.13 -5.59
CA TRP F 32 21.34 -1.04 -4.78
C TRP F 32 22.86 -1.03 -4.90
N LEU F 33 23.36 -0.19 -5.81
CA LEU F 33 24.79 -0.01 -5.98
C LEU F 33 25.06 1.33 -6.65
N ALA F 34 25.99 2.09 -6.09
CA ALA F 34 26.41 3.36 -6.64
C ALA F 34 27.89 3.31 -6.96
N TRP F 35 28.27 3.97 -8.05
CA TRP F 35 29.67 4.08 -8.46
C TRP F 35 30.10 5.54 -8.34
N TYR F 36 31.17 5.78 -7.59
CA TYR F 36 31.67 7.11 -7.33
C TYR F 36 33.02 7.31 -8.00
N GLN F 37 33.33 8.55 -8.35
CA GLN F 37 34.59 8.90 -8.99
C GLN F 37 35.26 9.99 -8.16
N GLN F 38 36.36 9.64 -7.50
CA GLN F 38 37.11 10.61 -6.69
C GLN F 38 38.36 10.99 -7.46
N LYS F 39 38.29 12.08 -8.20
CA LYS F 39 39.46 12.59 -8.89
C LYS F 39 40.49 13.04 -7.85
N PRO F 40 41.78 12.79 -8.08
CA PRO F 40 42.78 13.04 -7.03
C PRO F 40 42.83 14.50 -6.63
N GLY F 41 42.80 14.74 -5.31
CA GLY F 41 42.85 16.07 -4.77
C GLY F 41 41.51 16.72 -4.51
N LYS F 42 40.41 16.03 -4.80
CA LYS F 42 39.08 16.59 -4.62
C LYS F 42 38.12 15.51 -4.14
N ALA F 43 36.88 15.91 -3.86
CA ALA F 43 35.89 15.03 -3.28
C ALA F 43 35.32 14.08 -4.34
N PRO F 44 34.76 12.95 -3.91
CA PRO F 44 34.15 12.02 -4.87
C PRO F 44 32.90 12.62 -5.49
N LYS F 45 32.45 11.98 -6.56
CA LYS F 45 31.22 12.37 -7.24
C LYS F 45 30.48 11.13 -7.68
N LEU F 46 29.15 11.15 -7.55
CA LEU F 46 28.33 10.01 -7.90
C LEU F 46 28.22 9.88 -9.41
N LEU F 47 28.75 8.79 -9.96
CA LEU F 47 28.66 8.54 -11.40
C LEU F 47 27.31 7.93 -11.75
N ILE F 48 27.04 6.72 -11.23
CA ILE F 48 25.81 6.00 -11.52
C ILE F 48 25.29 5.39 -10.23
N TYR F 49 23.96 5.39 -10.09
CA TYR F 49 23.28 4.79 -8.95
C TYR F 49 22.30 3.74 -9.46
N ALA F 50 21.66 3.04 -8.52
CA ALA F 50 20.73 1.96 -8.80
C ALA F 50 21.32 0.91 -9.72
N ALA F 51 22.64 0.86 -9.82
CA ALA F 51 23.41 -0.14 -10.57
C ALA F 51 23.30 0.06 -12.08
N SER F 52 22.42 0.94 -12.54
CA SER F 52 22.35 1.19 -13.98
C SER F 52 21.99 2.61 -14.39
N SER F 53 21.81 3.54 -13.46
CA SER F 53 21.20 4.83 -13.77
C SER F 53 22.24 5.94 -13.68
N LEU F 54 22.28 6.80 -14.71
CA LEU F 54 23.22 7.89 -14.75
C LEU F 54 22.71 9.08 -13.93
N GLN F 55 23.55 10.11 -13.85
CA GLN F 55 23.26 11.35 -13.15
C GLN F 55 23.06 12.48 -14.15
N SER F 56 22.54 13.60 -13.67
CA SER F 56 22.56 14.83 -14.44
C SER F 56 23.91 15.51 -14.30
N GLY F 57 24.46 15.96 -15.43
CA GLY F 57 25.76 16.58 -15.43
C GLY F 57 26.88 15.58 -15.19
N VAL F 58 26.89 14.52 -15.99
CA VAL F 58 27.91 13.48 -15.90
C VAL F 58 28.21 13.02 -17.32
N PRO F 59 29.47 12.72 -17.65
CA PRO F 59 29.77 12.23 -19.00
C PRO F 59 29.11 10.88 -19.26
N SER F 60 28.49 10.75 -20.42
CA SER F 60 27.77 9.53 -20.80
C SER F 60 28.69 8.49 -21.38
N ARG F 61 29.76 8.16 -20.63
CA ARG F 61 30.73 7.15 -21.04
C ARG F 61 30.75 5.96 -20.09
N PHE F 62 29.66 5.75 -19.35
CA PHE F 62 29.62 4.75 -18.29
C PHE F 62 28.32 3.96 -18.38
N SER F 63 28.33 2.78 -17.76
CA SER F 63 27.16 1.92 -17.72
C SER F 63 27.24 1.04 -16.48
N GLY F 64 26.16 0.32 -16.22
CA GLY F 64 26.09 -0.53 -15.03
C GLY F 64 25.57 -1.91 -15.36
N SER F 65 25.77 -2.81 -14.41
CA SER F 65 25.45 -4.22 -14.57
C SER F 65 24.05 -4.52 -14.04
N GLY F 66 23.78 -5.82 -13.90
CA GLY F 66 22.57 -6.27 -13.26
C GLY F 66 22.71 -6.38 -11.75
N SER F 67 21.67 -6.89 -11.13
CA SER F 67 21.59 -6.97 -9.68
C SER F 67 22.45 -8.12 -9.15
N GLY F 68 22.30 -8.37 -7.85
CA GLY F 68 22.90 -9.53 -7.22
C GLY F 68 24.23 -9.28 -6.53
N THR F 69 25.31 -9.79 -7.12
CA THR F 69 26.61 -9.80 -6.49
C THR F 69 27.76 -9.37 -7.39
N HIS F 70 27.59 -9.47 -8.72
CA HIS F 70 28.73 -9.24 -9.61
C HIS F 70 29.04 -7.76 -9.77
N PHE F 71 28.06 -6.98 -10.26
CA PHE F 71 28.14 -5.53 -10.23
C PHE F 71 29.35 -4.93 -10.94
N THR F 72 29.42 -5.07 -12.26
CA THR F 72 30.52 -4.54 -13.05
C THR F 72 30.28 -3.08 -13.43
N LEU F 73 31.34 -2.40 -13.87
CA LEU F 73 31.27 -1.03 -14.36
C LEU F 73 32.09 -0.91 -15.63
N THR F 74 31.56 -0.19 -16.62
CA THR F 74 32.14 -0.11 -17.95
C THR F 74 32.37 1.34 -18.34
N ILE F 75 33.58 1.64 -18.81
CA ILE F 75 33.93 2.96 -19.34
C ILE F 75 34.25 2.78 -20.82
N SER F 76 33.43 3.36 -21.68
CA SER F 76 33.53 3.09 -23.12
C SER F 76 34.70 3.84 -23.75
N SER F 77 35.10 4.97 -23.15
CA SER F 77 36.20 5.78 -23.65
C SER F 77 36.95 6.36 -22.46
N LEU F 78 38.29 6.32 -22.53
CA LEU F 78 39.11 6.77 -21.41
C LEU F 78 39.46 8.25 -21.48
N GLN F 79 39.41 8.85 -22.67
CA GLN F 79 39.73 10.26 -22.85
C GLN F 79 41.12 10.61 -22.30
N PHE F 83 40.34 9.28 -15.44
CA PHE F 83 41.43 8.97 -14.53
C PHE F 83 41.10 9.40 -13.10
N ALA F 84 40.75 8.44 -12.26
CA ALA F 84 40.39 8.71 -10.88
C ALA F 84 40.21 7.40 -10.15
N THR F 85 40.15 7.49 -8.82
CA THR F 85 39.79 6.34 -8.01
C THR F 85 38.29 6.11 -8.06
N TYR F 86 37.88 4.89 -8.38
CA TYR F 86 36.47 4.54 -8.53
C TYR F 86 36.03 3.69 -7.36
N PHE F 87 34.97 4.13 -6.70
CA PHE F 87 34.50 3.48 -5.47
C PHE F 87 33.15 2.84 -5.70
N CYS F 88 32.82 1.88 -4.85
CA CYS F 88 31.63 1.06 -4.96
C CYS F 88 30.90 1.06 -3.62
N GLN F 89 29.72 1.68 -3.59
CA GLN F 89 28.90 1.76 -2.40
C GLN F 89 27.67 0.86 -2.57
N GLN F 90 27.38 0.06 -1.55
CA GLN F 90 26.24 -0.86 -1.65
C GLN F 90 24.93 -0.14 -1.37
N ALA F 91 24.84 0.57 -0.25
CA ALA F 91 23.65 1.34 0.11
C ALA F 91 22.40 0.48 0.13
N ASP F 92 22.50 -0.75 0.63
CA ASP F 92 21.34 -1.60 0.84
C ASP F 92 20.93 -1.66 2.30
N SER F 93 21.87 -1.95 3.19
CA SER F 93 21.65 -1.88 4.63
C SER F 93 22.08 -0.54 5.20
N PHE F 94 23.27 -0.08 4.81
CA PHE F 94 23.79 1.23 5.20
C PHE F 94 24.81 1.66 4.16
N ILE F 95 25.58 2.68 4.50
CA ILE F 95 26.67 3.10 3.62
C ILE F 95 27.93 2.33 3.98
N THR F 96 28.54 1.69 2.97
CA THR F 96 29.69 0.84 3.20
C THR F 96 30.94 1.26 2.44
N PHE F 97 30.81 1.65 1.17
CA PHE F 97 31.93 2.19 0.39
C PHE F 97 33.09 1.19 0.29
N GLY F 98 32.82 0.09 -0.39
CA GLY F 98 33.85 -0.88 -0.68
C GLY F 98 35.05 -0.27 -1.36
N GLY F 99 36.23 -0.48 -0.81
CA GLY F 99 37.42 0.19 -1.33
C GLY F 99 37.87 -0.42 -2.64
N GLY F 100 38.33 0.45 -3.53
CA GLY F 100 38.80 0.01 -4.84
C GLY F 100 39.30 1.21 -5.62
N THR F 101 39.89 0.93 -6.78
CA THR F 101 40.53 1.97 -7.56
C THR F 101 40.57 1.55 -9.03
N LYS F 102 41.22 2.38 -9.83
CA LYS F 102 41.50 2.09 -11.23
C LYS F 102 42.97 2.40 -11.51
#